data_6IX4
#
_entry.id   6IX4
#
_cell.length_a   57.365
_cell.length_b   51.922
_cell.length_c   133.488
_cell.angle_alpha   90.000
_cell.angle_beta   90.970
_cell.angle_gamma   90.000
#
_symmetry.space_group_name_H-M   'P 1 21 1'
#
loop_
_entity.id
_entity.type
_entity.pdbx_description
1 polymer 'Microsomal epoxide hydrolase'
2 non-polymer 'ACETATE ION'
3 non-polymer GLYCEROL
4 non-polymer 'SULFATE ION'
5 non-polymer 'CHLORIDE ION'
6 non-polymer 'SODIUM ION'
7 water water
#
_entity_poly.entity_id   1
_entity_poly.type   'polypeptide(L)'
_entity_poly.pdbx_seq_one_letter_code
;AFMALAYSNIPLGATVIPSPFQVHISDEQIEELQLLVKLSKLAPPTYEGLQQDRRYGITNEWLANAKEAWKSFDWRPAES
RINSFPQFTYDIEGLTIHFVALFSEKKDAIPIVLLHGWPGSFLEFLPVLTSIRDKYSPETLPYHIVVPSLPGYTFSSGPP
LDVNFNGEDTARVINKVMLNLGFEDGYVAQGGDIGSKIGRILAVDHDACKAVHLNACYMGKPSSIPDTAITEEDKRALAR
AQWFATFGSGYAVEHGTRPSTIGNALSTSPVALLSWIGEKFLDWAGETIPLETILESVTLYWFTETFPRSIYHYRENFPP
PKLRHTEDPRWYIRKPFGFSYYPMELVPTPRAWVETTGNLVFWQAHEKGGHFAALERPQDYLDDLTAFCEQVWAGRK
;
_entity_poly.pdbx_strand_id   A,B
#
loop_
_chem_comp.id
_chem_comp.type
_chem_comp.name
_chem_comp.formula
ACT non-polymer 'ACETATE ION' 'C2 H3 O2 -1'
CL non-polymer 'CHLORIDE ION' 'Cl -1'
GOL non-polymer GLYCEROL 'C3 H8 O3'
NA non-polymer 'SODIUM ION' 'Na 1'
SO4 non-polymer 'SULFATE ION' 'O4 S -2'
#
# COMPACT_ATOMS: atom_id res chain seq x y z
N LEU A 5 -33.41 -27.79 5.85
CA LEU A 5 -32.22 -27.76 6.70
C LEU A 5 -32.59 -27.70 8.17
N ALA A 6 -31.90 -28.50 8.98
CA ALA A 6 -31.98 -28.32 10.42
C ALA A 6 -31.51 -26.92 10.80
N TYR A 7 -32.02 -26.42 11.93
CA TYR A 7 -31.68 -25.12 12.50
C TYR A 7 -32.16 -23.95 11.64
N SER A 8 -33.11 -24.15 10.73
CA SER A 8 -33.50 -23.09 9.81
C SER A 8 -34.88 -22.52 10.11
N ASN A 9 -35.55 -22.95 11.17
CA ASN A 9 -36.86 -22.44 11.50
C ASN A 9 -36.75 -21.00 11.99
N ILE A 10 -37.42 -20.08 11.30
CA ILE A 10 -37.35 -18.67 11.69
C ILE A 10 -37.94 -18.51 13.08
N PRO A 11 -37.26 -17.83 14.00
CA PRO A 11 -37.83 -17.62 15.34
C PRO A 11 -39.23 -17.05 15.28
N LEU A 12 -40.09 -17.54 16.16
CA LEU A 12 -41.39 -16.92 16.31
C LEU A 12 -41.19 -15.52 16.88
N GLY A 13 -41.99 -14.57 16.43
CA GLY A 13 -41.77 -13.21 16.80
C GLY A 13 -40.92 -12.42 15.83
N ALA A 14 -40.29 -13.07 14.86
CA ALA A 14 -39.66 -12.34 13.76
C ALA A 14 -40.70 -11.46 13.09
N THR A 15 -40.35 -10.20 12.84
CA THR A 15 -41.28 -9.29 12.20
C THR A 15 -41.11 -9.23 10.68
N VAL A 16 -39.95 -9.59 10.16
CA VAL A 16 -39.72 -9.72 8.72
C VAL A 16 -39.20 -11.12 8.46
N ILE A 17 -39.84 -11.82 7.53
CA ILE A 17 -39.38 -13.16 7.16
C ILE A 17 -38.21 -12.98 6.20
N PRO A 18 -37.04 -13.52 6.50
CA PRO A 18 -35.90 -13.37 5.59
C PRO A 18 -36.07 -14.27 4.37
N SER A 19 -35.40 -13.88 3.28
CA SER A 19 -35.45 -14.69 2.06
C SER A 19 -34.38 -15.75 2.10
N PRO A 20 -34.71 -17.02 1.86
CA PRO A 20 -33.67 -18.06 1.84
C PRO A 20 -32.64 -17.76 0.76
N PHE A 21 -31.41 -18.17 1.03
CA PHE A 21 -30.29 -17.87 0.15
C PHE A 21 -29.40 -19.10 0.01
N GLN A 22 -28.89 -19.31 -1.21
CA GLN A 22 -27.84 -20.28 -1.46
C GLN A 22 -26.82 -19.68 -2.41
N VAL A 23 -25.58 -20.13 -2.28
CA VAL A 23 -24.48 -19.73 -3.14
C VAL A 23 -24.47 -20.62 -4.38
N HIS A 24 -24.54 -20.00 -5.56
CA HIS A 24 -24.37 -20.75 -6.81
C HIS A 24 -23.57 -19.87 -7.76
N ILE A 25 -22.24 -19.95 -7.64
CA ILE A 25 -21.36 -19.24 -8.56
C ILE A 25 -21.44 -19.90 -9.93
N SER A 26 -21.51 -19.08 -10.97
CA SER A 26 -21.64 -19.60 -12.32
C SER A 26 -20.33 -20.24 -12.79
N ASP A 27 -20.45 -21.22 -13.69
CA ASP A 27 -19.26 -21.78 -14.31
C ASP A 27 -18.44 -20.70 -14.98
N GLU A 28 -19.10 -19.69 -15.56
CA GLU A 28 -18.39 -18.61 -16.23
C GLU A 28 -17.52 -17.82 -15.25
N GLN A 29 -18.02 -17.59 -14.04
CA GLN A 29 -17.20 -16.91 -13.04
C GLN A 29 -16.01 -17.75 -12.63
N ILE A 30 -16.22 -19.06 -12.43
CA ILE A 30 -15.12 -19.95 -12.06
C ILE A 30 -14.05 -19.95 -13.14
N GLU A 31 -14.46 -20.02 -14.40
CA GLU A 31 -13.45 -20.10 -15.46
C GLU A 31 -12.82 -18.74 -15.75
N GLU A 32 -13.53 -17.63 -15.49
CA GLU A 32 -12.87 -16.32 -15.56
C GLU A 32 -11.78 -16.21 -14.50
N LEU A 33 -12.06 -16.69 -13.29
CA LEU A 33 -11.05 -16.70 -12.24
C LEU A 33 -9.83 -17.51 -12.67
N GLN A 34 -10.04 -18.73 -13.16
CA GLN A 34 -8.91 -19.56 -13.55
C GLN A 34 -8.16 -18.96 -14.74
N LEU A 35 -8.88 -18.32 -15.67
CA LEU A 35 -8.21 -17.59 -16.76
C LEU A 35 -7.23 -16.57 -16.19
N LEU A 36 -7.72 -15.73 -15.28
CA LEU A 36 -6.88 -14.63 -14.79
C LEU A 36 -5.81 -15.13 -13.82
N VAL A 37 -6.04 -16.24 -13.11
CA VAL A 37 -4.95 -16.85 -12.35
C VAL A 37 -3.84 -17.28 -13.29
N LYS A 38 -4.20 -17.96 -14.38
CA LYS A 38 -3.19 -18.43 -15.33
C LYS A 38 -2.51 -17.27 -16.06
N LEU A 39 -3.22 -16.16 -16.29
CA LEU A 39 -2.66 -15.00 -16.97
C LEU A 39 -1.70 -14.20 -16.09
N SER A 40 -1.78 -14.37 -14.78
CA SER A 40 -1.00 -13.52 -13.87
C SER A 40 0.49 -13.75 -14.07
N LYS A 41 1.26 -12.67 -13.88
CA LYS A 41 2.70 -12.76 -13.97
C LYS A 41 3.32 -12.70 -12.58
N LEU A 42 4.47 -13.36 -12.43
CA LEU A 42 5.22 -13.39 -11.19
C LEU A 42 6.25 -12.27 -11.15
N ALA A 43 6.55 -11.80 -9.94
CA ALA A 43 7.62 -10.84 -9.72
C ALA A 43 8.98 -11.44 -10.08
N PRO A 44 9.96 -10.61 -10.42
CA PRO A 44 11.34 -11.07 -10.47
C PRO A 44 11.81 -11.41 -9.07
N PRO A 45 12.82 -12.26 -8.94
CA PRO A 45 13.42 -12.45 -7.61
C PRO A 45 13.92 -11.12 -7.05
N THR A 46 13.65 -10.89 -5.77
CA THR A 46 14.20 -9.75 -5.05
C THR A 46 14.73 -10.20 -3.71
N TYR A 47 15.63 -9.38 -3.15
CA TYR A 47 16.10 -9.59 -1.79
C TYR A 47 14.92 -9.69 -0.82
N GLU A 48 13.97 -8.76 -0.93
CA GLU A 48 12.87 -8.74 0.01
C GLU A 48 12.03 -10.00 -0.09
N GLY A 49 11.80 -10.48 -1.32
CA GLY A 49 10.97 -11.65 -1.52
C GLY A 49 11.63 -12.97 -1.16
N LEU A 50 12.90 -12.94 -0.80
CA LEU A 50 13.64 -14.13 -0.36
C LEU A 50 13.72 -14.27 1.15
N GLN A 51 13.14 -13.35 1.92
CA GLN A 51 13.26 -13.39 3.37
C GLN A 51 12.22 -14.35 3.93
N GLN A 52 12.68 -15.51 4.42
CA GLN A 52 11.75 -16.54 4.85
C GLN A 52 10.97 -16.14 6.10
N ASP A 53 11.48 -15.21 6.90
CA ASP A 53 10.70 -14.76 8.04
C ASP A 53 9.64 -13.74 7.66
N ARG A 54 9.48 -13.44 6.37
CA ARG A 54 8.45 -12.53 5.87
C ARG A 54 8.59 -11.12 6.45
N ARG A 55 9.82 -10.72 6.79
CA ARG A 55 10.04 -9.42 7.40
C ARG A 55 9.61 -8.29 6.48
N TYR A 56 9.57 -8.53 5.16
CA TYR A 56 9.13 -7.51 4.20
C TYR A 56 7.86 -7.91 3.48
N GLY A 57 7.11 -8.84 4.01
CA GLY A 57 5.89 -9.31 3.36
C GLY A 57 6.05 -10.75 2.91
N ILE A 58 5.09 -11.20 2.08
CA ILE A 58 5.09 -12.58 1.61
C ILE A 58 6.34 -12.86 0.80
N THR A 59 6.76 -14.12 0.79
CA THR A 59 7.87 -14.50 -0.10
C THR A 59 7.36 -14.77 -1.52
N ASN A 60 8.23 -14.50 -2.49
CA ASN A 60 7.89 -14.82 -3.87
C ASN A 60 7.55 -16.30 -4.02
N GLU A 61 8.27 -17.16 -3.29
CA GLU A 61 8.03 -18.60 -3.38
C GLU A 61 6.63 -18.95 -2.86
N TRP A 62 6.22 -18.37 -1.74
CA TRP A 62 4.89 -18.64 -1.22
C TRP A 62 3.83 -18.27 -2.25
N LEU A 63 3.98 -17.12 -2.90
N LEU A 63 3.95 -17.10 -2.87
CA LEU A 63 2.98 -16.68 -3.86
CA LEU A 63 2.98 -16.69 -3.87
C LEU A 63 2.94 -17.60 -5.08
C LEU A 63 2.94 -17.67 -5.02
N ALA A 64 4.11 -17.98 -5.58
CA ALA A 64 4.15 -18.88 -6.73
C ALA A 64 3.51 -20.22 -6.41
N ASN A 65 3.79 -20.76 -5.21
N ASN A 65 3.78 -20.75 -5.21
CA ASN A 65 3.16 -22.02 -4.83
CA ASN A 65 3.16 -22.02 -4.83
C ASN A 65 1.66 -21.84 -4.64
C ASN A 65 1.67 -21.87 -4.57
N ALA A 66 1.24 -20.72 -4.05
CA ALA A 66 -0.19 -20.50 -3.84
C ALA A 66 -0.93 -20.38 -5.16
N LYS A 67 -0.34 -19.68 -6.13
CA LYS A 67 -0.92 -19.59 -7.46
C LYS A 67 -1.06 -20.97 -8.08
N GLU A 68 -0.02 -21.80 -7.98
CA GLU A 68 -0.10 -23.14 -8.54
C GLU A 68 -1.20 -23.95 -7.86
N ALA A 69 -1.30 -23.87 -6.53
CA ALA A 69 -2.37 -24.58 -5.84
C ALA A 69 -3.74 -24.07 -6.28
N TRP A 70 -3.85 -22.77 -6.56
CA TRP A 70 -5.13 -22.21 -6.96
C TRP A 70 -5.61 -22.84 -8.26
N LYS A 71 -4.69 -23.22 -9.15
CA LYS A 71 -5.07 -23.83 -10.41
C LYS A 71 -5.74 -25.18 -10.23
N SER A 72 -5.48 -25.86 -9.11
CA SER A 72 -6.12 -27.14 -8.79
C SER A 72 -7.24 -26.99 -7.79
N PHE A 73 -7.53 -25.78 -7.34
CA PHE A 73 -8.54 -25.54 -6.33
C PHE A 73 -9.94 -25.70 -6.93
N ASP A 74 -10.78 -26.48 -6.26
CA ASP A 74 -12.14 -26.77 -6.70
C ASP A 74 -13.12 -26.01 -5.81
N TRP A 75 -13.82 -25.03 -6.39
CA TRP A 75 -14.75 -24.23 -5.60
C TRP A 75 -15.99 -25.04 -5.19
N ARG A 76 -16.40 -26.01 -6.00
CA ARG A 76 -17.70 -26.63 -5.75
C ARG A 76 -17.81 -27.33 -4.40
N PRO A 77 -16.82 -28.11 -3.92
CA PRO A 77 -16.96 -28.66 -2.57
C PRO A 77 -17.05 -27.60 -1.49
N ALA A 78 -16.26 -26.54 -1.60
CA ALA A 78 -16.35 -25.45 -0.63
C ALA A 78 -17.73 -24.83 -0.66
N GLU A 79 -18.27 -24.60 -1.85
CA GLU A 79 -19.60 -24.03 -2.01
C GLU A 79 -20.67 -24.93 -1.39
N SER A 80 -20.54 -26.25 -1.57
N SER A 80 -20.54 -26.24 -1.58
CA SER A 80 -21.50 -27.17 -0.99
CA SER A 80 -21.49 -27.18 -0.99
C SER A 80 -21.45 -27.15 0.53
C SER A 80 -21.46 -27.10 0.53
N ARG A 81 -20.25 -27.00 1.12
CA ARG A 81 -20.14 -26.87 2.57
C ARG A 81 -20.81 -25.58 3.06
N ILE A 82 -20.56 -24.46 2.38
CA ILE A 82 -21.26 -23.22 2.72
C ILE A 82 -22.77 -23.44 2.71
N ASN A 83 -23.27 -24.06 1.64
CA ASN A 83 -24.71 -24.23 1.49
C ASN A 83 -25.29 -25.28 2.44
N SER A 84 -24.46 -25.96 3.23
CA SER A 84 -24.97 -26.87 4.26
C SER A 84 -25.44 -26.12 5.50
N PHE A 85 -25.17 -24.82 5.60
CA PHE A 85 -25.66 -24.00 6.71
C PHE A 85 -26.84 -23.14 6.25
N PRO A 86 -27.84 -22.94 7.11
CA PRO A 86 -28.94 -22.05 6.72
C PRO A 86 -28.42 -20.65 6.42
N GLN A 87 -28.84 -20.10 5.27
CA GLN A 87 -28.46 -18.76 4.87
C GLN A 87 -29.69 -18.01 4.38
N PHE A 88 -29.63 -16.68 4.50
CA PHE A 88 -30.76 -15.81 4.20
C PHE A 88 -30.25 -14.45 3.74
N THR A 89 -31.16 -13.66 3.17
CA THR A 89 -30.90 -12.24 3.00
C THR A 89 -32.09 -11.43 3.47
N TYR A 90 -31.80 -10.21 3.89
CA TYR A 90 -32.78 -9.15 4.10
C TYR A 90 -32.46 -8.00 3.18
N ASP A 91 -33.47 -7.20 2.85
CA ASP A 91 -33.28 -5.91 2.22
C ASP A 91 -33.42 -4.84 3.31
N ILE A 92 -32.32 -4.17 3.62
CA ILE A 92 -32.26 -3.16 4.67
C ILE A 92 -31.64 -1.89 4.10
N GLU A 93 -32.39 -0.80 4.11
CA GLU A 93 -31.91 0.50 3.62
C GLU A 93 -31.37 0.41 2.19
N GLY A 94 -32.01 -0.41 1.36
CA GLY A 94 -31.59 -0.55 -0.03
C GLY A 94 -30.37 -1.42 -0.22
N LEU A 95 -29.93 -2.11 0.83
CA LEU A 95 -28.81 -3.05 0.77
C LEU A 95 -29.34 -4.46 0.91
N THR A 96 -28.75 -5.39 0.17
CA THR A 96 -28.96 -6.80 0.41
C THR A 96 -27.99 -7.22 1.50
N ILE A 97 -28.49 -7.71 2.62
CA ILE A 97 -27.65 -8.14 3.73
C ILE A 97 -27.79 -9.65 3.84
N HIS A 98 -26.69 -10.35 3.58
CA HIS A 98 -26.61 -11.80 3.69
C HIS A 98 -26.25 -12.19 5.11
N PHE A 99 -26.77 -13.33 5.56
CA PHE A 99 -26.32 -13.87 6.83
C PHE A 99 -26.51 -15.37 6.88
N VAL A 100 -25.63 -16.01 7.64
CA VAL A 100 -25.75 -17.41 8.03
C VAL A 100 -26.41 -17.45 9.40
N ALA A 101 -27.17 -18.51 9.68
CA ALA A 101 -27.83 -18.61 10.97
C ALA A 101 -28.00 -20.06 11.41
N LEU A 102 -27.97 -20.26 12.73
CA LEU A 102 -28.49 -21.46 13.36
C LEU A 102 -29.57 -21.02 14.33
N PHE A 103 -30.81 -21.45 14.09
CA PHE A 103 -31.92 -21.06 14.95
C PHE A 103 -32.31 -22.24 15.85
N SER A 104 -32.48 -21.94 17.13
CA SER A 104 -32.91 -22.92 18.12
C SER A 104 -34.42 -23.13 18.04
N GLU A 105 -34.86 -24.29 18.53
CA GLU A 105 -36.28 -24.53 18.74
C GLU A 105 -36.77 -23.98 20.08
N LYS A 106 -35.86 -23.57 20.98
CA LYS A 106 -36.26 -23.04 22.27
C LYS A 106 -36.81 -21.64 22.12
N LYS A 107 -37.99 -21.39 22.70
CA LYS A 107 -38.68 -20.12 22.48
C LYS A 107 -37.85 -18.93 22.96
N ASP A 108 -37.11 -19.11 24.05
CA ASP A 108 -36.37 -18.00 24.64
C ASP A 108 -34.87 -18.19 24.54
N ALA A 109 -34.43 -18.88 23.47
CA ALA A 109 -33.02 -18.98 23.16
C ALA A 109 -32.37 -17.60 23.15
N ILE A 110 -31.11 -17.56 23.57
CA ILE A 110 -30.36 -16.29 23.63
C ILE A 110 -29.87 -15.92 22.24
N PRO A 111 -30.26 -14.78 21.67
CA PRO A 111 -29.77 -14.42 20.34
C PRO A 111 -28.37 -13.81 20.40
N ILE A 112 -27.52 -14.21 19.46
CA ILE A 112 -26.14 -13.73 19.37
C ILE A 112 -25.82 -13.39 17.94
N VAL A 113 -25.16 -12.25 17.73
CA VAL A 113 -24.63 -11.89 16.42
C VAL A 113 -23.10 -11.94 16.49
N LEU A 114 -22.48 -12.65 15.54
CA LEU A 114 -21.04 -12.78 15.43
C LEU A 114 -20.57 -11.92 14.27
N LEU A 115 -19.60 -11.04 14.54
CA LEU A 115 -19.21 -9.96 13.62
C LEU A 115 -17.80 -10.16 13.10
N HIS A 116 -17.66 -10.45 11.80
CA HIS A 116 -16.36 -10.60 11.16
C HIS A 116 -15.71 -9.25 10.89
N GLY A 117 -14.48 -9.31 10.37
CA GLY A 117 -13.77 -8.13 9.96
C GLY A 117 -13.12 -8.28 8.60
N TRP A 118 -12.02 -7.55 8.38
CA TRP A 118 -11.26 -7.53 7.14
C TRP A 118 -9.91 -8.19 7.38
N PRO A 119 -9.43 -9.11 6.53
CA PRO A 119 -9.99 -9.56 5.25
C PRO A 119 -10.81 -10.84 5.39
N GLY A 120 -11.65 -10.90 6.42
CA GLY A 120 -12.46 -12.06 6.69
C GLY A 120 -13.86 -11.94 6.16
N SER A 121 -14.75 -12.74 6.74
CA SER A 121 -16.10 -12.92 6.19
C SER A 121 -16.83 -13.89 7.09
N PHE A 122 -18.08 -14.19 6.74
CA PHE A 122 -18.80 -15.23 7.47
C PHE A 122 -18.05 -16.56 7.48
N LEU A 123 -17.16 -16.80 6.51
CA LEU A 123 -16.42 -18.06 6.47
C LEU A 123 -15.64 -18.29 7.76
N GLU A 124 -15.18 -17.21 8.40
CA GLU A 124 -14.39 -17.35 9.63
C GLU A 124 -15.13 -18.14 10.70
N PHE A 125 -16.45 -18.06 10.71
CA PHE A 125 -17.25 -18.61 11.80
C PHE A 125 -17.82 -19.97 11.49
N LEU A 126 -17.63 -20.49 10.28
CA LEU A 126 -18.21 -21.79 9.97
C LEU A 126 -17.63 -22.91 10.82
N PRO A 127 -16.35 -22.94 11.18
CA PRO A 127 -15.91 -23.96 12.14
C PRO A 127 -16.62 -23.90 13.47
N VAL A 128 -16.91 -22.70 13.96
CA VAL A 128 -17.68 -22.57 15.20
C VAL A 128 -19.10 -23.08 15.02
N LEU A 129 -19.73 -22.74 13.89
CA LEU A 129 -21.08 -23.24 13.63
C LEU A 129 -21.08 -24.77 13.55
N THR A 130 -20.03 -25.34 12.96
CA THR A 130 -19.89 -26.79 12.93
C THR A 130 -19.78 -27.35 14.33
N SER A 131 -18.96 -26.72 15.18
CA SER A 131 -18.86 -27.15 16.58
C SER A 131 -20.20 -27.08 17.28
N ILE A 132 -20.99 -26.05 16.98
CA ILE A 132 -22.30 -25.91 17.59
C ILE A 132 -23.22 -27.04 17.16
N ARG A 133 -23.23 -27.36 15.86
CA ARG A 133 -24.07 -28.44 15.35
C ARG A 133 -23.61 -29.80 15.88
N ASP A 134 -22.32 -29.94 16.18
CA ASP A 134 -21.84 -31.20 16.73
C ASP A 134 -22.28 -31.35 18.19
N LYS A 135 -22.40 -30.26 18.93
CA LYS A 135 -22.70 -30.29 20.35
C LYS A 135 -24.20 -30.32 20.63
N TYR A 136 -25.01 -29.67 19.79
CA TYR A 136 -26.42 -29.45 20.06
C TYR A 136 -27.27 -29.90 18.88
N SER A 137 -28.48 -30.33 19.19
CA SER A 137 -29.54 -30.45 18.20
C SER A 137 -30.35 -29.16 18.17
N PRO A 138 -31.22 -28.96 17.18
CA PRO A 138 -32.08 -27.76 17.22
C PRO A 138 -32.90 -27.68 18.49
N GLU A 139 -33.22 -28.83 19.10
CA GLU A 139 -34.03 -28.84 20.31
C GLU A 139 -33.22 -28.44 21.54
N THR A 140 -31.91 -28.69 21.57
CA THR A 140 -31.12 -28.36 22.75
C THR A 140 -30.26 -27.12 22.58
N LEU A 141 -30.23 -26.54 21.39
CA LEU A 141 -29.41 -25.35 21.13
C LEU A 141 -29.83 -24.19 22.03
N PRO A 142 -28.91 -23.62 22.82
CA PRO A 142 -29.30 -22.56 23.76
C PRO A 142 -29.45 -21.19 23.11
N TYR A 143 -29.04 -21.04 21.85
CA TYR A 143 -28.86 -19.74 21.21
C TYR A 143 -29.53 -19.70 19.84
N HIS A 144 -29.80 -18.49 19.39
CA HIS A 144 -29.93 -18.19 17.97
C HIS A 144 -28.62 -17.55 17.55
N ILE A 145 -27.94 -18.13 16.57
CA ILE A 145 -26.65 -17.61 16.10
C ILE A 145 -26.85 -16.95 14.75
N VAL A 146 -26.46 -15.68 14.63
CA VAL A 146 -26.60 -14.91 13.40
C VAL A 146 -25.21 -14.45 13.00
N VAL A 147 -24.78 -14.78 11.79
CA VAL A 147 -23.46 -14.42 11.28
C VAL A 147 -23.65 -13.59 10.00
N PRO A 148 -23.75 -12.27 10.11
CA PRO A 148 -24.03 -11.46 8.91
C PRO A 148 -22.79 -11.13 8.14
N SER A 149 -22.98 -10.96 6.83
CA SER A 149 -21.96 -10.34 6.00
C SER A 149 -22.09 -8.84 6.13
N LEU A 150 -21.02 -8.17 6.57
CA LEU A 150 -21.08 -6.73 6.70
C LEU A 150 -21.35 -6.10 5.33
N PRO A 151 -21.98 -4.92 5.27
CA PRO A 151 -22.14 -4.24 3.99
C PRO A 151 -20.79 -4.14 3.28
N GLY A 152 -20.82 -4.44 1.98
CA GLY A 152 -19.59 -4.41 1.21
C GLY A 152 -18.82 -5.71 1.18
N TYR A 153 -19.28 -6.74 1.89
CA TYR A 153 -18.55 -8.01 1.99
C TYR A 153 -19.35 -9.16 1.41
N THR A 154 -18.69 -9.93 0.54
CA THR A 154 -19.19 -11.14 -0.11
C THR A 154 -20.63 -10.95 -0.60
N PHE A 155 -21.59 -11.68 -0.05
CA PHE A 155 -22.94 -11.66 -0.61
C PHE A 155 -23.79 -10.51 -0.12
N SER A 156 -23.27 -9.66 0.78
CA SER A 156 -23.94 -8.40 1.08
C SER A 156 -23.55 -7.36 0.05
N SER A 157 -24.52 -6.55 -0.36
CA SER A 157 -24.29 -5.53 -1.36
C SER A 157 -23.74 -4.25 -0.69
N GLY A 158 -23.60 -3.20 -1.48
CA GLY A 158 -23.15 -1.92 -0.96
C GLY A 158 -21.66 -1.87 -0.74
N PRO A 159 -21.21 -0.86 0.03
CA PRO A 159 -22.00 0.26 0.56
C PRO A 159 -22.48 1.18 -0.57
N PRO A 160 -23.27 2.20 -0.26
CA PRO A 160 -23.87 3.01 -1.34
C PRO A 160 -22.82 3.67 -2.23
N LEU A 161 -23.24 3.94 -3.47
CA LEU A 161 -22.35 4.61 -4.41
C LEU A 161 -22.34 6.12 -4.26
N ASP A 162 -23.36 6.70 -3.64
CA ASP A 162 -23.57 8.15 -3.70
C ASP A 162 -23.33 8.87 -2.39
N VAL A 163 -23.12 8.15 -1.28
CA VAL A 163 -22.86 8.78 0.01
C VAL A 163 -21.79 7.97 0.73
N ASN A 164 -21.11 8.65 1.65
CA ASN A 164 -20.15 7.99 2.52
C ASN A 164 -20.88 7.00 3.43
N PHE A 165 -20.12 6.07 4.01
CA PHE A 165 -20.68 5.00 4.83
C PHE A 165 -19.63 4.66 5.89
N ASN A 166 -20.04 4.54 7.15
CA ASN A 166 -19.04 4.37 8.21
C ASN A 166 -19.49 3.28 9.17
N GLY A 167 -18.74 3.14 10.27
CA GLY A 167 -19.01 2.08 11.24
C GLY A 167 -20.36 2.24 11.93
N GLU A 168 -20.77 3.47 12.19
CA GLU A 168 -22.08 3.70 12.78
C GLU A 168 -23.21 3.31 11.82
N ASP A 169 -23.04 3.58 10.52
CA ASP A 169 -24.01 3.08 9.56
C ASP A 169 -24.03 1.56 9.55
N THR A 170 -22.84 0.95 9.60
CA THR A 170 -22.74 -0.51 9.61
C THR A 170 -23.50 -1.09 10.79
N ALA A 171 -23.28 -0.54 11.98
CA ALA A 171 -23.95 -1.06 13.17
C ALA A 171 -25.46 -0.85 13.07
N ARG A 172 -25.90 0.29 12.53
CA ARG A 172 -27.34 0.53 12.40
C ARG A 172 -27.98 -0.54 11.51
N VAL A 173 -27.32 -0.89 10.41
CA VAL A 173 -27.86 -1.88 9.49
C VAL A 173 -27.85 -3.27 10.11
N ILE A 174 -26.73 -3.66 10.76
CA ILE A 174 -26.64 -4.98 11.38
C ILE A 174 -27.67 -5.12 12.50
N ASN A 175 -27.86 -4.07 13.29
CA ASN A 175 -28.87 -4.11 14.34
C ASN A 175 -30.23 -4.43 13.75
N LYS A 176 -30.54 -3.89 12.57
CA LYS A 176 -31.84 -4.15 11.94
C LYS A 176 -32.01 -5.62 11.54
N VAL A 177 -30.92 -6.34 11.24
CA VAL A 177 -31.03 -7.78 11.03
C VAL A 177 -31.62 -8.43 12.28
N MET A 178 -31.07 -8.08 13.44
CA MET A 178 -31.54 -8.67 14.68
C MET A 178 -32.96 -8.22 15.00
N LEU A 179 -33.28 -6.95 14.74
CA LEU A 179 -34.65 -6.50 14.97
C LEU A 179 -35.63 -7.24 14.06
N ASN A 180 -35.24 -7.43 12.79
CA ASN A 180 -36.11 -8.13 11.85
C ASN A 180 -36.43 -9.55 12.32
N LEU A 181 -35.47 -10.21 12.95
CA LEU A 181 -35.65 -11.58 13.42
C LEU A 181 -36.41 -11.65 14.73
N GLY A 182 -36.83 -10.51 15.29
CA GLY A 182 -37.60 -10.51 16.51
C GLY A 182 -36.82 -10.37 17.78
N PHE A 183 -35.57 -9.88 17.71
CA PHE A 183 -34.70 -9.85 18.86
C PHE A 183 -34.64 -8.48 19.53
N GLU A 184 -35.68 -7.68 19.37
CA GLU A 184 -35.70 -6.36 20.00
CA GLU A 184 -35.65 -6.36 20.00
C GLU A 184 -35.60 -6.45 21.52
N ASP A 185 -36.06 -7.57 22.12
CA ASP A 185 -35.97 -7.72 23.57
C ASP A 185 -34.53 -7.94 24.03
N GLY A 186 -33.61 -8.22 23.12
CA GLY A 186 -32.23 -8.36 23.51
C GLY A 186 -31.45 -9.38 22.70
N TYR A 187 -30.18 -9.04 22.45
CA TYR A 187 -29.24 -9.98 21.87
C TYR A 187 -27.85 -9.62 22.37
N VAL A 188 -26.93 -10.56 22.20
CA VAL A 188 -25.52 -10.39 22.56
C VAL A 188 -24.73 -10.22 21.27
N ALA A 189 -23.73 -9.34 21.29
CA ALA A 189 -22.83 -9.17 20.15
C ALA A 189 -21.45 -9.73 20.50
N GLN A 190 -20.80 -10.30 19.49
CA GLN A 190 -19.41 -10.73 19.61
C GLN A 190 -18.64 -10.22 18.39
N GLY A 191 -17.47 -9.63 18.62
CA GLY A 191 -16.69 -9.11 17.50
C GLY A 191 -15.20 -9.13 17.69
N GLY A 192 -14.50 -9.31 16.56
CA GLY A 192 -13.08 -9.04 16.48
C GLY A 192 -12.81 -8.18 15.25
N ASP A 193 -11.57 -7.71 15.12
CA ASP A 193 -11.18 -6.83 14.01
C ASP A 193 -12.20 -5.67 13.90
N ILE A 194 -12.63 -5.27 12.69
CA ILE A 194 -13.61 -4.18 12.62
CA ILE A 194 -13.64 -4.20 12.56
C ILE A 194 -14.90 -4.58 13.32
N GLY A 195 -15.21 -5.88 13.36
CA GLY A 195 -16.36 -6.35 14.11
C GLY A 195 -16.32 -5.96 15.57
N SER A 196 -15.12 -5.77 16.14
CA SER A 196 -15.04 -5.30 17.52
CA SER A 196 -15.04 -5.30 17.52
C SER A 196 -15.47 -3.85 17.66
N LYS A 197 -15.21 -3.04 16.63
CA LYS A 197 -15.72 -1.67 16.63
C LYS A 197 -17.22 -1.67 16.41
N ILE A 198 -17.71 -2.50 15.47
CA ILE A 198 -19.16 -2.59 15.28
C ILE A 198 -19.84 -3.06 16.54
N GLY A 199 -19.27 -4.06 17.22
CA GLY A 199 -19.86 -4.56 18.46
C GLY A 199 -19.91 -3.51 19.54
N ARG A 200 -18.84 -2.73 19.69
CA ARG A 200 -18.86 -1.62 20.65
C ARG A 200 -19.95 -0.62 20.32
N ILE A 201 -20.10 -0.25 19.04
CA ILE A 201 -21.13 0.71 18.66
C ILE A 201 -22.53 0.17 18.93
N LEU A 202 -22.74 -1.11 18.61
CA LEU A 202 -24.02 -1.73 18.93
C LEU A 202 -24.32 -1.64 20.41
N ALA A 203 -23.35 -2.01 21.25
CA ALA A 203 -23.59 -2.03 22.68
C ALA A 203 -23.82 -0.64 23.23
N VAL A 204 -23.10 0.35 22.71
CA VAL A 204 -23.22 1.70 23.25
C VAL A 204 -24.51 2.38 22.78
N ASP A 205 -24.85 2.23 21.49
CA ASP A 205 -25.89 3.08 20.90
C ASP A 205 -27.22 2.39 20.63
N HIS A 206 -27.29 1.06 20.65
CA HIS A 206 -28.50 0.38 20.21
C HIS A 206 -29.16 -0.39 21.35
N ASP A 207 -30.44 -0.05 21.61
CA ASP A 207 -31.16 -0.59 22.75
C ASP A 207 -31.18 -2.11 22.77
N ALA A 208 -31.37 -2.74 21.60
CA ALA A 208 -31.55 -4.18 21.57
C ALA A 208 -30.28 -4.94 21.89
N CYS A 209 -29.10 -4.34 21.69
CA CYS A 209 -27.87 -5.02 22.10
C CYS A 209 -27.70 -4.91 23.60
N LYS A 210 -27.72 -6.04 24.29
CA LYS A 210 -27.69 -6.03 25.76
C LYS A 210 -26.31 -6.28 26.35
N ALA A 211 -25.38 -6.82 25.58
CA ALA A 211 -24.06 -7.17 26.09
C ALA A 211 -23.16 -7.41 24.89
N VAL A 212 -21.85 -7.30 25.12
CA VAL A 212 -20.91 -7.46 24.03
C VAL A 212 -19.63 -8.14 24.52
N HIS A 213 -19.17 -9.12 23.75
CA HIS A 213 -17.91 -9.79 24.00
C HIS A 213 -16.98 -9.48 22.84
N LEU A 214 -15.75 -9.06 23.16
CA LEU A 214 -14.76 -8.69 22.15
C LEU A 214 -13.53 -9.58 22.29
N ASN A 215 -12.90 -9.90 21.15
CA ASN A 215 -11.58 -10.50 21.19
C ASN A 215 -10.53 -9.58 20.57
N ALA A 216 -10.87 -8.31 20.38
CA ALA A 216 -9.89 -7.28 20.05
C ALA A 216 -10.37 -5.96 20.67
N CYS A 217 -9.40 -5.15 21.12
CA CYS A 217 -9.71 -3.87 21.75
C CYS A 217 -8.55 -2.95 21.39
N TYR A 218 -8.60 -2.41 20.17
CA TYR A 218 -7.47 -1.69 19.59
C TYR A 218 -7.30 -0.35 20.29
N MET A 219 -6.19 -0.22 21.00
CA MET A 219 -5.98 0.93 21.87
C MET A 219 -4.50 1.05 22.17
N GLY A 220 -4.09 2.26 22.60
CA GLY A 220 -2.81 2.44 23.25
C GLY A 220 -2.91 2.20 24.74
N LYS A 221 -1.75 2.19 25.40
CA LYS A 221 -1.73 1.97 26.84
C LYS A 221 -2.35 3.17 27.57
N PRO A 222 -3.34 2.95 28.43
CA PRO A 222 -3.94 4.09 29.14
C PRO A 222 -2.95 4.68 30.13
N SER A 223 -3.03 6.00 30.30
CA SER A 223 -2.08 6.72 31.16
C SER A 223 -2.19 6.32 32.62
N SER A 224 -3.23 5.60 33.01
CA SER A 224 -3.36 5.16 34.41
C SER A 224 -2.57 3.87 34.67
N ILE A 230 6.36 -5.69 35.32
CA ILE A 230 5.45 -6.21 34.30
C ILE A 230 5.77 -7.66 33.99
N THR A 231 4.73 -8.44 33.71
CA THR A 231 4.90 -9.85 33.43
C THR A 231 5.55 -10.06 32.06
N GLU A 232 6.09 -11.25 31.85
CA GLU A 232 6.68 -11.59 30.56
C GLU A 232 5.62 -11.61 29.46
N GLU A 233 4.39 -12.01 29.80
CA GLU A 233 3.31 -11.97 28.81
C GLU A 233 2.96 -10.54 28.43
N ASP A 234 2.93 -9.63 29.40
CA ASP A 234 2.68 -8.23 29.07
C ASP A 234 3.81 -7.67 28.21
N LYS A 235 5.03 -8.19 28.39
CA LYS A 235 6.16 -7.75 27.57
C LYS A 235 6.02 -8.21 26.13
N ARG A 236 5.65 -9.47 25.92
CA ARG A 236 5.46 -9.94 24.55
C ARG A 236 4.28 -9.26 23.88
N ALA A 237 3.23 -8.96 24.65
CA ALA A 237 2.08 -8.23 24.11
C ALA A 237 2.50 -6.85 23.62
N LEU A 238 3.24 -6.11 24.44
CA LEU A 238 3.67 -4.77 24.05
C LEU A 238 4.55 -4.83 22.80
N ALA A 239 5.45 -5.82 22.72
CA ALA A 239 6.32 -5.94 21.56
C ALA A 239 5.53 -6.25 20.30
N ARG A 240 4.51 -7.10 20.40
CA ARG A 240 3.70 -7.39 19.23
C ARG A 240 2.91 -6.17 18.80
N ALA A 241 2.35 -5.43 19.75
CA ALA A 241 1.62 -4.22 19.43
C ALA A 241 2.53 -3.20 18.75
N GLN A 242 3.77 -3.08 19.21
CA GLN A 242 4.72 -2.17 18.58
C GLN A 242 5.10 -2.63 17.17
N TRP A 243 5.31 -3.94 16.99
CA TRP A 243 5.53 -4.48 15.67
C TRP A 243 4.38 -4.15 14.73
N PHE A 244 3.14 -4.32 15.21
CA PHE A 244 2.00 -4.05 14.37
C PHE A 244 1.92 -2.58 14.00
N ALA A 245 2.13 -1.69 14.97
CA ALA A 245 2.07 -0.26 14.70
C ALA A 245 3.17 0.18 13.73
N THR A 246 4.37 -0.37 13.89
CA THR A 246 5.52 0.11 13.11
C THR A 246 5.56 -0.55 11.73
N PHE A 247 5.40 -1.87 11.68
CA PHE A 247 5.62 -2.62 10.46
C PHE A 247 4.36 -3.23 9.86
N GLY A 248 3.26 -3.27 10.61
CA GLY A 248 2.09 -4.00 10.16
C GLY A 248 0.92 -3.17 9.67
N SER A 249 1.06 -1.85 9.61
CA SER A 249 -0.09 -0.98 9.39
C SER A 249 -0.09 -0.29 8.03
N GLY A 250 0.78 -0.70 7.10
CA GLY A 250 0.73 -0.12 5.76
C GLY A 250 -0.64 -0.26 5.11
N TYR A 251 -1.27 -1.42 5.27
CA TYR A 251 -2.58 -1.62 4.65
C TYR A 251 -3.62 -0.67 5.24
N ALA A 252 -3.50 -0.33 6.52
CA ALA A 252 -4.43 0.61 7.14
C ALA A 252 -4.30 1.99 6.50
N VAL A 253 -3.06 2.48 6.37
CA VAL A 253 -2.87 3.81 5.79
C VAL A 253 -3.31 3.82 4.34
N GLU A 254 -2.97 2.77 3.57
CA GLU A 254 -3.35 2.76 2.17
C GLU A 254 -4.87 2.62 2.00
N HIS A 255 -5.49 1.69 2.74
CA HIS A 255 -6.96 1.57 2.69
C HIS A 255 -7.63 2.87 3.10
N GLY A 256 -7.06 3.55 4.11
CA GLY A 256 -7.70 4.70 4.72
C GLY A 256 -7.53 6.00 3.97
N THR A 257 -6.53 6.08 3.10
CA THR A 257 -6.25 7.30 2.36
C THR A 257 -6.46 7.18 0.86
N ARG A 258 -6.19 6.01 0.27
CA ARG A 258 -6.32 5.83 -1.17
C ARG A 258 -7.09 4.55 -1.50
N PRO A 259 -8.29 4.37 -0.93
CA PRO A 259 -9.02 3.12 -1.17
C PRO A 259 -9.33 2.89 -2.64
N SER A 260 -9.55 3.96 -3.42
CA SER A 260 -9.84 3.73 -4.83
C SER A 260 -8.62 3.25 -5.59
N THR A 261 -7.43 3.77 -5.29
CA THR A 261 -6.22 3.28 -5.95
C THR A 261 -5.99 1.81 -5.66
N ILE A 262 -5.98 1.43 -4.37
CA ILE A 262 -5.66 0.05 -4.07
C ILE A 262 -6.82 -0.87 -4.47
N GLY A 263 -8.07 -0.41 -4.34
CA GLY A 263 -9.18 -1.21 -4.82
C GLY A 263 -9.10 -1.46 -6.31
N ASN A 264 -8.73 -0.44 -7.08
CA ASN A 264 -8.58 -0.65 -8.52
C ASN A 264 -7.41 -1.55 -8.83
N ALA A 265 -6.29 -1.37 -8.13
CA ALA A 265 -5.10 -2.14 -8.47
C ALA A 265 -5.32 -3.62 -8.20
N LEU A 266 -5.91 -3.97 -7.06
CA LEU A 266 -6.03 -5.38 -6.71
C LEU A 266 -7.19 -6.07 -7.41
N SER A 267 -8.12 -5.31 -7.98
CA SER A 267 -9.20 -5.91 -8.75
C SER A 267 -8.75 -6.40 -10.12
N THR A 268 -7.56 -6.03 -10.57
CA THR A 268 -7.13 -6.36 -11.93
C THR A 268 -6.76 -7.82 -12.08
N SER A 269 -6.33 -8.47 -11.00
CA SER A 269 -5.80 -9.82 -11.05
C SER A 269 -6.12 -10.52 -9.73
N PRO A 270 -6.64 -11.73 -9.76
CA PRO A 270 -6.88 -12.44 -8.50
C PRO A 270 -5.60 -12.69 -7.73
N VAL A 271 -4.45 -12.77 -8.42
CA VAL A 271 -3.20 -13.04 -7.73
C VAL A 271 -2.67 -11.77 -7.06
N ALA A 272 -3.04 -10.59 -7.55
CA ALA A 272 -2.76 -9.36 -6.81
C ALA A 272 -3.49 -9.37 -5.48
N LEU A 273 -4.78 -9.69 -5.52
CA LEU A 273 -5.58 -9.78 -4.29
C LEU A 273 -5.01 -10.83 -3.34
N LEU A 274 -4.61 -11.97 -3.88
CA LEU A 274 -4.04 -13.04 -3.05
C LEU A 274 -2.78 -12.58 -2.34
N SER A 275 -1.92 -11.82 -3.03
CA SER A 275 -0.71 -11.30 -2.40
C SER A 275 -1.06 -10.45 -1.18
N TRP A 276 -1.99 -9.52 -1.38
CA TRP A 276 -2.34 -8.53 -0.37
C TRP A 276 -2.98 -9.17 0.85
N ILE A 277 -3.90 -10.10 0.62
CA ILE A 277 -4.65 -10.72 1.70
C ILE A 277 -3.90 -11.89 2.32
N GLY A 278 -3.20 -12.68 1.50
CA GLY A 278 -2.42 -13.80 2.03
C GLY A 278 -1.44 -13.39 3.10
N GLU A 279 -0.79 -12.22 2.93
CA GLU A 279 0.13 -11.71 3.94
C GLU A 279 -0.51 -11.67 5.32
N LYS A 280 -1.80 -11.29 5.39
CA LYS A 280 -2.45 -11.14 6.69
C LYS A 280 -2.82 -12.50 7.28
N PHE A 281 -3.30 -13.44 6.47
CA PHE A 281 -3.57 -14.77 7.03
C PHE A 281 -2.29 -15.41 7.55
N LEU A 282 -1.15 -15.07 6.97
CA LEU A 282 0.13 -15.63 7.45
C LEU A 282 0.60 -14.95 8.73
N ASP A 283 0.56 -13.63 8.78
CA ASP A 283 1.19 -12.86 9.85
C ASP A 283 0.29 -12.71 11.07
N TRP A 284 -1.02 -12.75 10.88
CA TRP A 284 -1.93 -12.41 11.96
C TRP A 284 -2.37 -13.61 12.78
N ALA A 285 -2.18 -14.81 12.27
CA ALA A 285 -2.63 -16.01 12.94
C ALA A 285 -1.65 -16.48 14.01
N GLY A 286 -2.19 -17.08 15.05
CA GLY A 286 -1.35 -17.81 15.98
C GLY A 286 -1.21 -19.24 15.52
N GLU A 287 -2.34 -19.88 15.24
CA GLU A 287 -2.37 -21.21 14.65
C GLU A 287 -2.29 -21.07 13.13
N THR A 288 -1.41 -21.84 12.50
CA THR A 288 -1.22 -21.74 11.06
C THR A 288 -2.52 -22.02 10.32
N ILE A 289 -2.88 -21.13 9.41
CA ILE A 289 -4.11 -21.23 8.65
C ILE A 289 -3.80 -21.96 7.35
N PRO A 290 -4.48 -23.07 7.05
CA PRO A 290 -4.14 -23.85 5.84
C PRO A 290 -4.32 -23.03 4.57
N LEU A 291 -3.45 -23.30 3.59
CA LEU A 291 -3.54 -22.62 2.31
C LEU A 291 -4.95 -22.73 1.72
N GLU A 292 -5.59 -23.89 1.83
CA GLU A 292 -6.93 -24.05 1.27
C GLU A 292 -7.90 -23.04 1.85
N THR A 293 -7.74 -22.73 3.14
CA THR A 293 -8.62 -21.76 3.79
C THR A 293 -8.37 -20.36 3.25
N ILE A 294 -7.10 -20.02 3.02
CA ILE A 294 -6.77 -18.74 2.40
C ILE A 294 -7.36 -18.66 1.00
N LEU A 295 -7.18 -19.72 0.21
CA LEU A 295 -7.70 -19.70 -1.16
C LEU A 295 -9.22 -19.60 -1.16
N GLU A 296 -9.91 -20.29 -0.25
CA GLU A 296 -11.37 -20.19 -0.21
C GLU A 296 -11.80 -18.75 0.04
N SER A 297 -11.17 -18.08 0.99
CA SER A 297 -11.56 -16.71 1.34
C SER A 297 -11.27 -15.74 0.20
N VAL A 298 -10.08 -15.84 -0.38
CA VAL A 298 -9.72 -14.93 -1.46
C VAL A 298 -10.60 -15.19 -2.68
N THR A 299 -10.90 -16.46 -2.96
CA THR A 299 -11.79 -16.80 -4.07
C THR A 299 -13.17 -16.20 -3.88
N LEU A 300 -13.73 -16.33 -2.66
CA LEU A 300 -15.03 -15.73 -2.39
C LEU A 300 -14.98 -14.21 -2.55
N TYR A 301 -13.92 -13.57 -2.03
CA TYR A 301 -13.76 -12.13 -2.24
C TYR A 301 -13.73 -11.79 -3.72
N TRP A 302 -13.04 -12.60 -4.52
CA TRP A 302 -12.93 -12.33 -5.94
C TRP A 302 -14.29 -12.43 -6.63
N PHE A 303 -15.03 -13.52 -6.41
CA PHE A 303 -16.30 -13.72 -7.10
C PHE A 303 -17.28 -12.60 -6.80
N THR A 304 -17.23 -12.05 -5.59
CA THR A 304 -18.19 -11.05 -5.12
C THR A 304 -17.64 -9.64 -5.19
N GLU A 305 -16.46 -9.45 -5.79
CA GLU A 305 -15.85 -8.13 -5.90
C GLU A 305 -15.85 -7.42 -4.55
N THR A 306 -15.48 -8.17 -3.52
CA THR A 306 -15.52 -7.65 -2.15
C THR A 306 -14.47 -6.57 -1.92
N PHE A 307 -13.23 -6.79 -2.39
CA PHE A 307 -12.15 -5.95 -1.86
C PHE A 307 -12.40 -4.46 -2.03
N PRO A 308 -12.73 -3.92 -3.21
CA PRO A 308 -12.90 -2.46 -3.30
C PRO A 308 -14.10 -1.95 -2.54
N ARG A 309 -15.08 -2.80 -2.23
CA ARG A 309 -16.27 -2.42 -1.48
C ARG A 309 -16.08 -2.55 0.03
N SER A 310 -14.98 -3.15 0.48
CA SER A 310 -14.87 -3.64 1.86
C SER A 310 -14.02 -2.76 2.75
N ILE A 311 -13.36 -1.74 2.19
CA ILE A 311 -12.33 -1.03 2.92
C ILE A 311 -12.78 0.35 3.37
N TYR A 312 -14.07 0.63 3.33
CA TYR A 312 -14.56 1.97 3.66
C TYR A 312 -14.32 2.36 5.12
N HIS A 313 -14.18 1.38 6.03
N HIS A 313 -14.21 1.41 6.05
CA HIS A 313 -14.02 1.67 7.46
CA HIS A 313 -14.09 1.86 7.43
C HIS A 313 -12.71 2.38 7.74
C HIS A 313 -12.69 2.36 7.77
N TYR A 314 -11.68 2.11 6.94
CA TYR A 314 -10.33 2.51 7.30
C TYR A 314 -10.14 4.02 7.27
N ARG A 315 -10.89 4.75 6.44
CA ARG A 315 -10.70 6.19 6.36
C ARG A 315 -11.24 6.93 7.57
N GLU A 316 -11.93 6.25 8.48
CA GLU A 316 -12.45 6.93 9.65
C GLU A 316 -11.34 7.46 10.56
N ASN A 317 -10.13 6.93 10.43
CA ASN A 317 -9.03 7.39 11.26
C ASN A 317 -8.07 8.29 10.50
N PHE A 318 -8.52 8.92 9.42
CA PHE A 318 -7.71 9.87 8.68
C PHE A 318 -8.52 11.14 8.46
N PRO A 319 -8.15 12.28 9.08
CA PRO A 319 -7.04 12.46 10.02
C PRO A 319 -7.29 11.75 11.35
N PRO A 320 -6.22 11.45 12.11
CA PRO A 320 -6.39 10.71 13.36
C PRO A 320 -7.28 11.48 14.33
N PRO A 321 -8.30 10.83 14.89
CA PRO A 321 -9.17 11.51 15.85
C PRO A 321 -8.43 11.85 17.12
N LYS A 322 -9.02 12.75 17.91
CA LYS A 322 -8.44 13.15 19.18
C LYS A 322 -8.16 11.93 20.05
N LEU A 323 -9.18 11.12 20.31
CA LEU A 323 -9.06 9.89 21.07
C LEU A 323 -9.34 8.70 20.16
N ARG A 324 -8.62 7.62 20.38
CA ARG A 324 -8.97 6.36 19.74
C ARG A 324 -10.37 5.96 20.15
N HIS A 325 -11.07 5.31 19.21
CA HIS A 325 -12.47 4.95 19.42
C HIS A 325 -12.68 4.21 20.74
N THR A 326 -11.86 3.18 21.00
CA THR A 326 -12.00 2.39 22.21
C THR A 326 -11.72 3.19 23.47
N GLU A 327 -10.92 4.25 23.35
CA GLU A 327 -10.52 5.07 24.50
C GLU A 327 -11.38 6.31 24.65
N ASP A 328 -12.38 6.48 23.80
CA ASP A 328 -13.23 7.66 23.80
C ASP A 328 -14.36 7.45 24.79
N PRO A 329 -14.58 8.33 25.77
CA PRO A 329 -15.73 8.18 26.67
C PRO A 329 -17.06 8.05 25.94
N ARG A 330 -17.17 8.63 24.75
CA ARG A 330 -18.38 8.49 23.95
C ARG A 330 -18.70 7.03 23.65
N TRP A 331 -17.67 6.18 23.63
CA TRP A 331 -17.85 4.78 23.25
C TRP A 331 -17.50 3.83 24.39
N TYR A 332 -17.48 4.32 25.63
CA TYR A 332 -17.33 3.47 26.80
C TYR A 332 -18.54 2.54 26.92
N ILE A 333 -18.29 1.25 27.10
CA ILE A 333 -19.36 0.25 27.14
C ILE A 333 -19.88 0.13 28.58
N ARG A 334 -21.08 0.65 28.82
CA ARG A 334 -21.67 0.55 30.16
C ARG A 334 -22.40 -0.76 30.39
N LYS A 335 -22.88 -1.42 29.33
CA LYS A 335 -23.55 -2.70 29.42
C LYS A 335 -22.52 -3.79 29.75
N PRO A 336 -22.99 -4.99 30.12
CA PRO A 336 -22.02 -6.08 30.41
C PRO A 336 -21.10 -6.32 29.23
N PHE A 337 -19.80 -6.32 29.54
CA PHE A 337 -18.72 -6.32 28.55
C PHE A 337 -17.79 -7.45 28.90
N GLY A 338 -17.47 -8.28 27.92
CA GLY A 338 -16.52 -9.37 28.10
C GLY A 338 -15.38 -9.27 27.11
N PHE A 339 -14.23 -9.82 27.50
CA PHE A 339 -13.06 -9.80 26.63
C PHE A 339 -12.31 -11.12 26.75
N SER A 340 -11.87 -11.63 25.61
CA SER A 340 -10.99 -12.80 25.57
C SER A 340 -9.67 -12.40 24.94
N TYR A 341 -8.58 -12.73 25.65
CA TYR A 341 -7.22 -12.38 25.26
C TYR A 341 -6.59 -13.55 24.52
N TYR A 342 -6.24 -13.32 23.25
CA TYR A 342 -5.49 -14.28 22.47
C TYR A 342 -4.12 -13.70 22.19
N PRO A 343 -3.03 -14.41 22.49
CA PRO A 343 -1.71 -13.76 22.51
C PRO A 343 -1.25 -13.25 21.17
N MET A 344 -1.71 -13.81 20.05
CA MET A 344 -1.25 -13.34 18.75
C MET A 344 -2.26 -12.43 18.06
N GLU A 345 -3.19 -11.85 18.82
CA GLU A 345 -3.92 -10.69 18.34
C GLU A 345 -2.93 -9.60 17.94
N LEU A 346 -3.38 -8.69 17.06
CA LEU A 346 -2.47 -7.68 16.49
C LEU A 346 -1.99 -6.71 17.55
N VAL A 347 -2.88 -6.29 18.44
CA VAL A 347 -2.56 -5.46 19.58
C VAL A 347 -3.08 -6.23 20.79
N PRO A 348 -2.28 -7.11 21.38
CA PRO A 348 -2.76 -7.87 22.56
C PRO A 348 -2.85 -6.92 23.75
N THR A 349 -4.02 -6.89 24.37
CA THR A 349 -4.31 -5.89 25.40
C THR A 349 -4.52 -6.54 26.75
N PRO A 350 -3.68 -6.25 27.75
CA PRO A 350 -3.91 -6.76 29.10
C PRO A 350 -5.23 -6.27 29.68
N ARG A 351 -5.67 -6.99 30.70
CA ARG A 351 -6.97 -6.73 31.33
C ARG A 351 -7.08 -5.31 31.85
N ALA A 352 -6.01 -4.80 32.47
CA ALA A 352 -6.09 -3.46 33.04
C ALA A 352 -6.29 -2.40 31.96
N TRP A 353 -5.80 -2.64 30.73
CA TRP A 353 -6.09 -1.74 29.62
C TRP A 353 -7.56 -1.81 29.24
N VAL A 354 -8.04 -3.03 28.94
CA VAL A 354 -9.40 -3.21 28.45
C VAL A 354 -10.42 -2.68 29.45
N GLU A 355 -10.13 -2.85 30.75
CA GLU A 355 -11.06 -2.43 31.79
C GLU A 355 -11.35 -0.93 31.75
N THR A 356 -10.44 -0.13 31.20
CA THR A 356 -10.70 1.30 31.13
C THR A 356 -11.72 1.67 30.06
N THR A 357 -12.08 0.73 29.19
CA THR A 357 -12.93 1.02 28.04
C THR A 357 -14.37 0.55 28.22
N GLY A 358 -14.70 -0.06 29.35
CA GLY A 358 -16.08 -0.48 29.55
C GLY A 358 -16.22 -1.23 30.86
N ASN A 359 -17.46 -1.65 31.10
CA ASN A 359 -17.89 -2.40 32.29
C ASN A 359 -17.50 -3.86 32.14
N LEU A 360 -16.19 -4.13 32.30
CA LEU A 360 -15.63 -5.44 32.00
C LEU A 360 -15.97 -6.41 33.13
N VAL A 361 -16.91 -7.32 32.86
CA VAL A 361 -17.34 -8.30 33.85
C VAL A 361 -16.83 -9.70 33.55
N PHE A 362 -16.23 -9.92 32.39
CA PHE A 362 -15.79 -11.24 31.96
C PHE A 362 -14.43 -11.08 31.30
N TRP A 363 -13.47 -11.88 31.76
CA TRP A 363 -12.12 -11.91 31.20
C TRP A 363 -11.70 -13.37 31.06
N GLN A 364 -11.20 -13.74 29.89
CA GLN A 364 -10.63 -15.07 29.68
C GLN A 364 -9.35 -14.93 28.87
N ALA A 365 -8.25 -15.45 29.38
CA ALA A 365 -7.00 -15.45 28.64
C ALA A 365 -6.74 -16.85 28.07
N HIS A 366 -6.09 -16.88 26.91
CA HIS A 366 -5.77 -18.13 26.23
C HIS A 366 -4.28 -18.18 25.97
N GLU A 367 -3.73 -19.39 25.99
CA GLU A 367 -2.33 -19.58 25.68
CA GLU A 367 -2.32 -19.57 25.67
C GLU A 367 -2.07 -19.73 24.19
N LYS A 368 -3.09 -20.09 23.42
CA LYS A 368 -2.97 -20.32 21.98
C LYS A 368 -3.97 -19.47 21.23
N GLY A 369 -3.58 -19.09 20.02
CA GLY A 369 -4.49 -18.43 19.11
C GLY A 369 -4.11 -16.99 18.86
N GLY A 370 -4.45 -16.50 17.68
CA GLY A 370 -4.16 -15.13 17.32
C GLY A 370 -5.37 -14.34 16.89
N HIS A 371 -5.19 -13.56 15.83
CA HIS A 371 -6.20 -12.59 15.42
C HIS A 371 -7.50 -13.25 15.01
N PHE A 372 -7.43 -14.36 14.27
CA PHE A 372 -8.63 -15.02 13.75
C PHE A 372 -9.11 -16.08 14.75
N ALA A 373 -9.57 -15.60 15.91
CA ALA A 373 -9.80 -16.49 17.05
C ALA A 373 -10.79 -17.61 16.71
N ALA A 374 -11.95 -17.24 16.15
CA ALA A 374 -12.96 -18.24 15.85
C ALA A 374 -12.46 -19.23 14.80
N LEU A 375 -11.74 -18.74 13.79
CA LEU A 375 -11.25 -19.60 12.71
C LEU A 375 -10.12 -20.50 13.19
N GLU A 376 -9.25 -19.98 14.07
CA GLU A 376 -8.09 -20.73 14.55
C GLU A 376 -8.42 -21.66 15.70
N ARG A 377 -9.30 -21.21 16.61
CA ARG A 377 -9.56 -21.91 17.86
C ARG A 377 -11.07 -22.00 18.10
N PRO A 378 -11.80 -22.71 17.23
CA PRO A 378 -13.27 -22.66 17.32
C PRO A 378 -13.82 -23.17 18.63
N GLN A 379 -13.20 -24.20 19.23
CA GLN A 379 -13.73 -24.71 20.49
C GLN A 379 -13.50 -23.72 21.64
N ASP A 380 -12.32 -23.12 21.70
CA ASP A 380 -12.07 -22.10 22.71
C ASP A 380 -13.02 -20.92 22.52
N TYR A 381 -13.22 -20.51 21.27
CA TYR A 381 -14.12 -19.40 20.98
C TYR A 381 -15.53 -19.72 21.47
N LEU A 382 -16.02 -20.92 21.14
CA LEU A 382 -17.37 -21.31 21.54
C LEU A 382 -17.49 -21.42 23.05
N ASP A 383 -16.49 -22.03 23.70
CA ASP A 383 -16.51 -22.13 25.16
C ASP A 383 -16.64 -20.76 25.79
N ASP A 384 -15.85 -19.79 25.30
CA ASP A 384 -15.91 -18.43 25.84
C ASP A 384 -17.28 -17.80 25.61
N LEU A 385 -17.80 -17.96 24.41
CA LEU A 385 -19.09 -17.35 24.06
C LEU A 385 -20.20 -17.90 24.96
N THR A 386 -20.22 -19.22 25.15
CA THR A 386 -21.20 -19.83 26.04
C THR A 386 -21.04 -19.33 27.47
N ALA A 387 -19.80 -19.34 27.97
CA ALA A 387 -19.57 -18.86 29.33
C ALA A 387 -20.02 -17.42 29.49
N PHE A 388 -19.71 -16.56 28.51
CA PHE A 388 -20.06 -15.15 28.64
C PHE A 388 -21.57 -14.96 28.63
N CYS A 389 -22.25 -15.59 27.67
CA CYS A 389 -23.70 -15.43 27.59
C CYS A 389 -24.40 -15.95 28.83
N GLU A 390 -23.94 -17.08 29.36
CA GLU A 390 -24.55 -17.62 30.57
C GLU A 390 -24.31 -16.69 31.76
N GLN A 391 -23.15 -16.08 31.82
CA GLN A 391 -22.87 -15.18 32.94
C GLN A 391 -23.71 -13.92 32.88
N VAL A 392 -23.89 -13.33 31.70
CA VAL A 392 -24.45 -11.98 31.63
C VAL A 392 -25.91 -11.90 31.19
N TRP A 393 -26.43 -12.89 30.48
CA TRP A 393 -27.81 -12.82 30.00
C TRP A 393 -28.77 -12.69 31.17
N ALA A 394 -29.71 -11.75 31.07
CA ALA A 394 -30.63 -11.48 32.17
C ALA A 394 -32.09 -11.67 31.78
N GLY A 395 -32.35 -12.47 30.77
CA GLY A 395 -33.72 -12.70 30.30
C GLY A 395 -34.23 -11.61 29.37
N ALA B 1 26.68 -4.10 -32.70
CA ALA B 1 27.23 -3.46 -33.89
C ALA B 1 27.76 -2.06 -33.58
N PHE B 2 28.81 -1.66 -34.28
CA PHE B 2 29.34 -0.31 -34.11
C PHE B 2 28.33 0.71 -34.59
N MET B 3 28.10 1.75 -33.77
CA MET B 3 27.10 2.77 -34.07
C MET B 3 27.66 4.14 -33.67
N ALA B 4 28.09 4.91 -34.65
CA ALA B 4 28.50 6.29 -34.37
C ALA B 4 27.29 7.09 -33.90
N LEU B 5 27.46 7.83 -32.80
CA LEU B 5 26.39 8.61 -32.20
C LEU B 5 26.98 9.92 -31.72
N ALA B 6 26.34 11.04 -32.07
CA ALA B 6 26.83 12.32 -31.58
C ALA B 6 26.73 12.36 -30.06
N TYR B 7 27.66 13.13 -29.46
CA TYR B 7 27.75 13.35 -28.01
C TYR B 7 28.15 12.08 -27.26
N SER B 8 28.67 11.06 -27.94
CA SER B 8 28.95 9.78 -27.30
C SER B 8 30.43 9.52 -27.07
N ASN B 9 31.31 10.48 -27.37
CA ASN B 9 32.74 10.23 -27.20
C ASN B 9 33.09 10.24 -25.71
N ILE B 10 33.70 9.16 -25.25
CA ILE B 10 34.02 9.01 -23.83
C ILE B 10 35.09 10.03 -23.44
N PRO B 11 34.92 10.73 -22.33
CA PRO B 11 35.90 11.76 -21.94
C PRO B 11 37.31 11.18 -21.82
N LEU B 12 38.30 12.01 -22.16
N LEU B 12 38.27 11.96 -22.31
CA LEU B 12 39.68 11.54 -22.29
CA LEU B 12 39.66 11.69 -22.03
C LEU B 12 40.19 10.85 -21.02
C LEU B 12 39.86 11.61 -20.53
N GLY B 13 39.80 11.34 -19.85
N GLY B 13 40.63 10.63 -20.10
CA GLY B 13 40.36 10.84 -18.61
CA GLY B 13 40.83 10.40 -18.70
C GLY B 13 39.77 9.56 -18.06
C GLY B 13 39.92 9.35 -18.09
N ALA B 14 38.87 8.92 -18.79
CA ALA B 14 38.10 7.79 -18.28
C ALA B 14 39.00 6.61 -18.01
N THR B 15 38.79 5.97 -16.86
CA THR B 15 39.55 4.79 -16.45
C THR B 15 38.93 3.50 -16.93
N VAL B 16 37.61 3.49 -17.16
CA VAL B 16 36.89 2.32 -17.67
C VAL B 16 36.04 2.79 -18.83
N ILE B 17 36.09 2.08 -19.95
CA ILE B 17 35.27 2.41 -21.11
C ILE B 17 33.93 1.73 -20.95
N PRO B 18 32.83 2.48 -20.90
CA PRO B 18 31.51 1.85 -20.76
C PRO B 18 31.11 1.17 -22.05
N SER B 19 30.18 0.21 -21.92
CA SER B 19 29.65 -0.50 -23.09
C SER B 19 28.48 0.29 -23.68
N PRO B 20 28.51 0.61 -24.97
CA PRO B 20 27.33 1.23 -25.58
C PRO B 20 26.09 0.38 -25.38
N PHE B 21 24.96 1.05 -25.24
CA PHE B 21 23.69 0.40 -24.95
C PHE B 21 22.60 1.04 -25.78
N GLN B 22 21.68 0.21 -26.28
CA GLN B 22 20.44 0.72 -26.86
C GLN B 22 19.29 -0.13 -26.36
N VAL B 23 18.12 0.51 -26.24
CA VAL B 23 16.91 -0.17 -25.82
C VAL B 23 16.33 -0.95 -26.99
N HIS B 24 16.11 -2.25 -26.79
CA HIS B 24 15.41 -3.06 -27.81
C HIS B 24 14.47 -4.03 -27.11
N ILE B 25 13.30 -3.54 -26.75
CA ILE B 25 12.28 -4.40 -26.18
C ILE B 25 11.83 -5.38 -27.24
N SER B 26 11.69 -6.66 -26.88
CA SER B 26 11.37 -7.66 -27.88
C SER B 26 9.94 -7.52 -28.39
N ASP B 27 9.73 -7.93 -29.64
CA ASP B 27 8.38 -8.02 -30.19
C ASP B 27 7.45 -8.80 -29.27
N GLU B 28 7.92 -9.92 -28.70
CA GLU B 28 6.99 -10.71 -27.89
C GLU B 28 6.55 -9.97 -26.63
N GLN B 29 7.41 -9.12 -26.06
CA GLN B 29 7.00 -8.35 -24.89
C GLN B 29 5.93 -7.33 -25.26
N ILE B 30 6.07 -6.69 -26.42
CA ILE B 30 5.10 -5.70 -26.87
C ILE B 30 3.76 -6.36 -27.14
N GLU B 31 3.77 -7.50 -27.84
CA GLU B 31 2.53 -8.26 -28.08
C GLU B 31 1.87 -8.61 -26.76
N GLU B 32 2.66 -9.14 -25.83
CA GLU B 32 2.14 -9.59 -24.56
C GLU B 32 1.49 -8.45 -23.79
N LEU B 33 2.13 -7.28 -23.77
CA LEU B 33 1.56 -6.17 -23.00
C LEU B 33 0.16 -5.81 -23.49
N GLN B 34 -0.03 -5.76 -24.81
CA GLN B 34 -1.36 -5.46 -25.35
C GLN B 34 -2.40 -6.45 -24.84
N LEU B 35 -2.08 -7.74 -24.87
CA LEU B 35 -2.98 -8.79 -24.38
C LEU B 35 -3.29 -8.61 -22.90
N LEU B 36 -2.25 -8.43 -22.08
CA LEU B 36 -2.45 -8.33 -20.64
C LEU B 36 -3.25 -7.10 -20.24
N VAL B 37 -3.07 -6.00 -20.97
CA VAL B 37 -3.88 -4.82 -20.71
C VAL B 37 -5.34 -5.09 -21.03
N LYS B 38 -5.58 -5.65 -22.22
CA LYS B 38 -6.95 -5.95 -22.65
C LYS B 38 -7.70 -6.79 -21.64
N LEU B 39 -7.05 -7.83 -21.12
CA LEU B 39 -7.78 -8.81 -20.33
C LEU B 39 -7.78 -8.49 -18.83
N SER B 40 -7.09 -7.43 -18.41
CA SER B 40 -7.13 -7.00 -17.03
C SER B 40 -8.56 -6.67 -16.62
N LYS B 41 -8.92 -7.08 -15.40
CA LYS B 41 -10.25 -6.80 -14.88
C LYS B 41 -10.28 -5.43 -14.21
N LEU B 42 -11.41 -4.73 -14.32
CA LEU B 42 -11.59 -3.45 -13.68
C LEU B 42 -12.51 -3.58 -12.46
N ALA B 43 -12.19 -2.84 -11.41
CA ALA B 43 -13.05 -2.79 -10.23
C ALA B 43 -14.46 -2.32 -10.59
N PRO B 44 -15.47 -2.77 -9.87
CA PRO B 44 -16.83 -2.27 -10.10
C PRO B 44 -16.98 -0.86 -9.55
N PRO B 45 -18.07 -0.19 -9.87
CA PRO B 45 -18.32 1.12 -9.25
C PRO B 45 -18.31 1.03 -7.73
N THR B 46 -17.64 2.01 -7.12
CA THR B 46 -17.70 2.23 -5.68
C THR B 46 -17.80 3.72 -5.42
N TYR B 47 -18.30 4.07 -4.24
CA TYR B 47 -18.32 5.46 -3.81
C TYR B 47 -16.94 6.09 -3.97
N GLU B 48 -15.89 5.38 -3.54
CA GLU B 48 -14.56 5.95 -3.61
C GLU B 48 -14.08 6.10 -5.06
N GLY B 49 -14.39 5.12 -5.91
CA GLY B 49 -13.95 5.19 -7.30
C GLY B 49 -14.69 6.21 -8.14
N LEU B 50 -15.76 6.79 -7.62
CA LEU B 50 -16.55 7.79 -8.33
C LEU B 50 -16.23 9.23 -7.91
N GLN B 51 -15.25 9.42 -7.03
CA GLN B 51 -14.86 10.76 -6.57
C GLN B 51 -13.98 11.42 -7.61
N GLN B 52 -14.57 12.30 -8.43
CA GLN B 52 -13.81 12.89 -9.53
C GLN B 52 -12.66 13.78 -9.07
N ASP B 53 -12.62 14.20 -7.79
CA ASP B 53 -11.52 15.01 -7.30
C ASP B 53 -10.35 14.17 -6.77
N ARG B 54 -10.42 12.86 -6.92
CA ARG B 54 -9.32 11.93 -6.56
C ARG B 54 -9.00 11.96 -5.07
N ARG B 55 -9.99 12.32 -4.24
CA ARG B 55 -9.76 12.38 -2.81
C ARG B 55 -9.34 11.02 -2.24
N TYR B 56 -9.72 9.93 -2.90
CA TYR B 56 -9.36 8.59 -2.45
C TYR B 56 -8.46 7.86 -3.44
N GLY B 57 -7.78 8.59 -4.31
CA GLY B 57 -6.93 8.01 -5.32
C GLY B 57 -7.51 8.13 -6.71
N ILE B 58 -6.99 7.31 -7.63
CA ILE B 58 -7.42 7.40 -9.01
C ILE B 58 -8.89 7.05 -9.12
N THR B 59 -9.54 7.60 -10.15
CA THR B 59 -10.95 7.30 -10.39
C THR B 59 -11.11 6.10 -11.32
N ASN B 60 -12.25 5.43 -11.18
CA ASN B 60 -12.59 4.37 -12.12
C ASN B 60 -12.60 4.89 -13.56
N GLU B 61 -13.12 6.11 -13.76
CA GLU B 61 -13.22 6.64 -15.11
C GLU B 61 -11.83 6.89 -15.70
N TRP B 62 -10.92 7.43 -14.90
CA TRP B 62 -9.56 7.66 -15.38
C TRP B 62 -8.92 6.34 -15.79
N LEU B 63 -9.07 5.31 -14.97
CA LEU B 63 -8.41 4.05 -15.25
C LEU B 63 -9.00 3.36 -16.48
N ALA B 64 -10.32 3.40 -16.64
CA ALA B 64 -10.93 2.79 -17.81
C ALA B 64 -10.45 3.48 -19.09
N ASN B 65 -10.38 4.81 -19.06
CA ASN B 65 -9.89 5.52 -20.24
C ASN B 65 -8.42 5.25 -20.49
N ALA B 66 -7.62 5.18 -19.42
CA ALA B 66 -6.20 4.90 -19.59
C ALA B 66 -5.98 3.49 -20.14
N LYS B 67 -6.76 2.50 -19.67
CA LYS B 67 -6.67 1.15 -20.22
C LYS B 67 -6.99 1.16 -21.72
N GLU B 68 -8.04 1.87 -22.11
CA GLU B 68 -8.38 1.95 -23.54
C GLU B 68 -7.26 2.58 -24.34
N ALA B 69 -6.71 3.69 -23.85
CA ALA B 69 -5.62 4.35 -24.57
C ALA B 69 -4.39 3.45 -24.66
N TRP B 70 -4.15 2.65 -23.61
CA TRP B 70 -2.95 1.81 -23.58
C TRP B 70 -3.00 0.72 -24.62
N LYS B 71 -4.22 0.22 -24.91
N LYS B 71 -4.19 0.23 -24.95
CA LYS B 71 -4.41 -0.82 -25.91
CA LYS B 71 -4.28 -0.88 -25.89
C LYS B 71 -3.71 -0.48 -27.21
C LYS B 71 -3.86 -0.49 -27.30
N SER B 72 -3.75 0.80 -27.59
CA SER B 72 -3.22 1.27 -28.87
C SER B 72 -1.94 2.07 -28.74
N PHE B 73 -1.41 2.24 -27.53
CA PHE B 73 -0.12 2.90 -27.34
C PHE B 73 0.98 2.12 -28.06
N ASP B 74 1.87 2.85 -28.74
CA ASP B 74 2.94 2.24 -29.54
C ASP B 74 4.29 2.55 -28.88
N TRP B 75 4.93 1.51 -28.35
CA TRP B 75 6.21 1.69 -27.69
C TRP B 75 7.33 2.06 -28.66
N ARG B 76 7.29 1.58 -29.90
CA ARG B 76 8.45 1.71 -30.78
C ARG B 76 8.86 3.15 -31.05
N PRO B 77 7.96 4.10 -31.35
CA PRO B 77 8.44 5.49 -31.54
C PRO B 77 9.07 6.09 -30.30
N ALA B 78 8.53 5.79 -29.12
CA ALA B 78 9.17 6.23 -27.88
C ALA B 78 10.56 5.63 -27.73
N GLU B 79 10.69 4.34 -28.02
CA GLU B 79 11.99 3.68 -27.95
C GLU B 79 13.00 4.33 -28.89
N SER B 80 12.57 4.68 -30.10
CA SER B 80 13.47 5.32 -31.05
CA SER B 80 13.47 5.32 -31.05
C SER B 80 13.95 6.67 -30.53
N ARG B 81 13.06 7.43 -29.89
CA ARG B 81 13.47 8.70 -29.33
C ARG B 81 14.47 8.49 -28.19
N ILE B 82 14.22 7.52 -27.31
CA ILE B 82 15.18 7.20 -26.27
C ILE B 82 16.54 6.87 -26.87
N ASN B 83 16.55 6.06 -27.94
CA ASN B 83 17.80 5.60 -28.52
C ASN B 83 18.52 6.68 -29.32
N SER B 84 17.90 7.87 -29.50
CA SER B 84 18.63 8.98 -30.11
C SER B 84 19.64 9.60 -29.17
N PHE B 85 19.56 9.29 -27.86
CA PHE B 85 20.52 9.79 -26.88
C PHE B 85 21.55 8.70 -26.58
N PRO B 86 22.82 9.08 -26.42
CA PRO B 86 23.83 8.07 -26.06
C PRO B 86 23.48 7.39 -24.75
N GLN B 87 23.58 6.07 -24.75
CA GLN B 87 23.37 5.27 -23.53
C GLN B 87 24.49 4.26 -23.40
N PHE B 88 24.74 3.86 -22.15
CA PHE B 88 25.86 2.99 -21.81
C PHE B 88 25.50 2.15 -20.62
N THR B 89 26.30 1.09 -20.41
CA THR B 89 26.31 0.42 -19.12
C THR B 89 27.74 0.27 -18.61
N TYR B 90 27.84 0.26 -17.29
CA TYR B 90 29.04 -0.19 -16.58
C TYR B 90 28.66 -1.40 -15.72
N ASP B 91 29.65 -2.24 -15.45
CA ASP B 91 29.53 -3.27 -14.43
C ASP B 91 30.23 -2.74 -13.18
N ILE B 92 29.45 -2.49 -12.12
CA ILE B 92 29.94 -1.92 -10.87
C ILE B 92 29.44 -2.79 -9.72
N GLU B 93 30.38 -3.35 -8.95
CA GLU B 93 30.05 -4.20 -7.79
C GLU B 93 29.02 -5.27 -8.13
N GLY B 94 29.17 -5.89 -9.30
CA GLY B 94 28.24 -6.94 -9.68
C GLY B 94 26.91 -6.47 -10.22
N LEU B 95 26.70 -5.16 -10.32
CA LEU B 95 25.50 -4.57 -10.88
C LEU B 95 25.78 -4.04 -12.29
N THR B 96 24.78 -4.15 -13.15
CA THR B 96 24.78 -3.46 -14.43
C THR B 96 24.14 -2.10 -14.20
N ILE B 97 24.88 -1.02 -14.44
CA ILE B 97 24.34 0.31 -14.23
C ILE B 97 24.20 0.98 -15.60
N HIS B 98 22.96 1.22 -15.98
CA HIS B 98 22.62 1.93 -17.21
C HIS B 98 22.67 3.43 -17.00
N PHE B 99 23.09 4.16 -18.03
CA PHE B 99 22.98 5.61 -17.96
C PHE B 99 22.87 6.21 -19.35
N VAL B 100 22.19 7.34 -19.42
CA VAL B 100 22.16 8.22 -20.59
C VAL B 100 23.26 9.26 -20.40
N ALA B 101 23.86 9.72 -21.50
CA ALA B 101 24.88 10.76 -21.36
C ALA B 101 24.91 11.66 -22.58
N LEU B 102 25.30 12.92 -22.34
CA LEU B 102 25.81 13.80 -23.38
C LEU B 102 27.22 14.21 -22.99
N PHE B 103 28.20 13.82 -23.80
CA PHE B 103 29.60 14.14 -23.50
C PHE B 103 30.06 15.27 -24.39
N SER B 104 30.70 16.26 -23.78
CA SER B 104 31.33 17.36 -24.48
C SER B 104 32.67 16.93 -25.08
N GLU B 105 33.10 17.64 -26.11
CA GLU B 105 34.45 17.51 -26.62
C GLU B 105 35.47 18.33 -25.84
N LYS B 106 35.02 19.24 -24.98
CA LYS B 106 35.94 20.10 -24.25
C LYS B 106 36.60 19.31 -23.13
N LYS B 107 37.92 19.46 -23.01
CA LYS B 107 38.68 18.68 -22.04
C LYS B 107 38.21 18.95 -20.62
N ASP B 108 37.84 20.19 -20.33
CA ASP B 108 37.55 20.60 -18.96
C ASP B 108 36.07 20.93 -18.78
N ALA B 109 35.21 20.31 -19.60
CA ALA B 109 33.77 20.42 -19.39
C ALA B 109 33.39 20.05 -17.96
N ILE B 110 32.38 20.73 -17.44
CA ILE B 110 31.88 20.51 -16.09
C ILE B 110 31.03 19.24 -16.05
N PRO B 111 31.42 18.21 -15.30
CA PRO B 111 30.59 17.00 -15.26
C PRO B 111 29.43 17.16 -14.28
N ILE B 112 28.26 16.69 -14.70
CA ILE B 112 27.04 16.77 -13.90
C ILE B 112 26.35 15.42 -13.94
N VAL B 113 25.88 14.96 -12.78
CA VAL B 113 25.01 13.79 -12.70
C VAL B 113 23.62 14.22 -12.24
N LEU B 114 22.59 13.78 -12.98
CA LEU B 114 21.18 14.08 -12.66
C LEU B 114 20.53 12.81 -12.12
N LEU B 115 19.86 12.92 -10.97
CA LEU B 115 19.41 11.74 -10.22
C LEU B 115 17.89 11.73 -10.10
N HIS B 116 17.27 10.71 -10.72
CA HIS B 116 15.82 10.54 -10.67
C HIS B 116 15.39 9.92 -9.33
N GLY B 117 14.07 9.77 -9.16
CA GLY B 117 13.50 9.12 -8.01
C GLY B 117 12.44 8.11 -8.43
N TRP B 118 11.51 7.88 -7.50
CA TRP B 118 10.41 6.93 -7.66
C TRP B 118 9.11 7.70 -7.78
N PRO B 119 8.22 7.41 -8.75
CA PRO B 119 8.22 6.34 -9.75
C PRO B 119 8.75 6.81 -11.09
N GLY B 120 9.83 7.59 -11.07
CA GLY B 120 10.44 8.10 -12.27
C GLY B 120 11.60 7.26 -12.77
N SER B 121 12.44 7.90 -13.56
CA SER B 121 13.46 7.21 -14.32
C SER B 121 14.26 8.22 -15.10
N PHE B 122 15.24 7.74 -15.86
CA PHE B 122 15.97 8.61 -16.76
C PHE B 122 15.05 9.35 -17.73
N LEU B 123 13.86 8.81 -18.00
CA LEU B 123 12.92 9.48 -18.92
C LEU B 123 12.59 10.89 -18.48
N GLU B 124 12.60 11.14 -17.16
CA GLU B 124 12.27 12.47 -16.64
C GLU B 124 13.16 13.55 -17.21
N PHE B 125 14.40 13.21 -17.56
CA PHE B 125 15.38 14.20 -17.97
C PHE B 125 15.56 14.31 -19.46
N LEU B 126 14.82 13.54 -20.27
CA LEU B 126 15.07 13.62 -21.71
C LEU B 126 14.66 14.97 -22.30
N PRO B 127 13.56 15.62 -21.86
CA PRO B 127 13.29 16.98 -22.37
C PRO B 127 14.43 17.95 -22.08
N VAL B 128 15.03 17.84 -20.89
CA VAL B 128 16.20 18.67 -20.56
C VAL B 128 17.35 18.36 -21.50
N LEU B 129 17.65 17.08 -21.72
CA LEU B 129 18.73 16.73 -22.64
C LEU B 129 18.44 17.22 -24.05
N THR B 130 17.17 17.22 -24.45
CA THR B 130 16.81 17.73 -25.77
C THR B 130 17.17 19.20 -25.89
N SER B 131 16.82 19.99 -24.87
CA SER B 131 17.18 21.41 -24.88
C SER B 131 18.68 21.61 -24.95
N ILE B 132 19.43 20.81 -24.18
CA ILE B 132 20.90 20.94 -24.17
C ILE B 132 21.46 20.66 -25.56
N ARG B 133 21.03 19.56 -26.19
CA ARG B 133 21.62 19.19 -27.46
C ARG B 133 21.13 20.06 -28.61
N ASP B 134 20.03 20.80 -28.42
CA ASP B 134 19.64 21.77 -29.44
C ASP B 134 20.45 23.04 -29.32
N LYS B 135 20.87 23.40 -28.11
CA LYS B 135 21.64 24.63 -27.90
C LYS B 135 23.12 24.43 -28.17
N TYR B 136 23.64 23.24 -27.92
CA TYR B 136 25.07 22.97 -27.97
C TYR B 136 25.37 21.80 -28.88
N SER B 137 26.38 21.96 -29.73
CA SER B 137 27.00 20.83 -30.39
C SER B 137 27.92 20.14 -29.40
N PRO B 138 28.40 18.93 -29.70
CA PRO B 138 29.39 18.32 -28.81
C PRO B 138 30.57 19.25 -28.57
N GLU B 139 30.93 20.06 -29.57
CA GLU B 139 32.08 20.94 -29.50
C GLU B 139 31.84 22.19 -28.65
N THR B 140 30.58 22.65 -28.53
CA THR B 140 30.31 23.85 -27.75
C THR B 140 29.72 23.52 -26.37
N LEU B 141 29.38 22.26 -26.13
CA LEU B 141 28.78 21.85 -24.87
C LEU B 141 29.67 22.16 -23.67
N PRO B 142 29.20 22.96 -22.69
CA PRO B 142 30.04 23.25 -21.52
C PRO B 142 30.09 22.16 -20.47
N TYR B 143 29.26 21.12 -20.58
CA TYR B 143 29.03 20.17 -19.52
C TYR B 143 29.13 18.75 -20.07
N HIS B 144 29.49 17.81 -19.21
CA HIS B 144 29.16 16.40 -19.44
C HIS B 144 27.91 16.14 -18.61
N ILE B 145 26.87 15.55 -19.22
CA ILE B 145 25.64 15.24 -18.51
C ILE B 145 25.49 13.73 -18.41
N VAL B 146 25.37 13.21 -17.19
CA VAL B 146 25.23 11.78 -16.94
C VAL B 146 23.90 11.58 -16.22
N VAL B 147 23.04 10.73 -16.77
CA VAL B 147 21.72 10.48 -16.20
C VAL B 147 21.61 8.98 -15.94
N PRO B 148 22.01 8.51 -14.76
CA PRO B 148 22.01 7.06 -14.50
C PRO B 148 20.65 6.54 -14.09
N SER B 149 20.42 5.27 -14.40
CA SER B 149 19.32 4.55 -13.79
C SER B 149 19.78 4.03 -12.44
N LEU B 150 19.09 4.42 -11.36
CA LEU B 150 19.48 3.91 -10.05
C LEU B 150 19.39 2.38 -10.04
N PRO B 151 20.19 1.71 -9.21
CA PRO B 151 20.05 0.25 -9.09
C PRO B 151 18.59 -0.12 -8.85
N GLY B 152 18.12 -1.15 -9.56
CA GLY B 152 16.74 -1.55 -9.44
C GLY B 152 15.79 -0.87 -10.41
N TYR B 153 16.25 0.08 -11.21
CA TYR B 153 15.38 0.85 -12.10
C TYR B 153 15.71 0.60 -13.57
N THR B 154 14.67 0.27 -14.33
CA THR B 154 14.70 0.07 -15.78
C THR B 154 15.89 -0.81 -16.17
N PHE B 155 16.86 -0.30 -16.93
CA PHE B 155 17.92 -1.15 -17.47
C PHE B 155 19.09 -1.31 -16.52
N SER B 156 19.06 -0.73 -15.33
CA SER B 156 20.01 -1.10 -14.30
C SER B 156 19.51 -2.36 -13.59
N SER B 157 20.44 -3.24 -13.28
CA SER B 157 20.10 -4.49 -12.60
C SER B 157 20.02 -4.30 -11.10
N GLY B 158 19.76 -5.40 -10.39
CA GLY B 158 19.78 -5.38 -8.96
C GLY B 158 18.53 -4.75 -8.36
N PRO B 159 18.60 -4.36 -7.10
CA PRO B 159 19.75 -4.50 -6.19
C PRO B 159 20.02 -5.97 -5.86
N PRO B 160 21.11 -6.28 -5.16
CA PRO B 160 21.50 -7.69 -4.98
C PRO B 160 20.43 -8.48 -4.27
N LEU B 161 20.44 -9.80 -4.51
CA LEU B 161 19.47 -10.69 -3.90
C LEU B 161 19.85 -11.14 -2.50
N ASP B 162 21.12 -11.00 -2.11
CA ASP B 162 21.62 -11.67 -0.91
C ASP B 162 22.03 -10.71 0.20
N VAL B 163 21.96 -9.40 -0.03
CA VAL B 163 22.30 -8.42 0.98
C VAL B 163 21.32 -7.25 0.90
N ASN B 164 21.12 -6.60 2.02
CA ASN B 164 20.37 -5.36 2.03
C ASN B 164 21.14 -4.32 1.24
N PHE B 165 20.42 -3.33 0.72
CA PHE B 165 21.00 -2.30 -0.13
C PHE B 165 20.31 -1.00 0.23
N ASN B 166 21.10 0.05 0.48
CA ASN B 166 20.49 1.29 0.95
C ASN B 166 20.99 2.50 0.17
N GLY B 167 20.65 3.69 0.68
CA GLY B 167 21.01 4.92 -0.02
C GLY B 167 22.51 5.15 -0.08
N GLU B 168 23.21 4.77 0.98
CA GLU B 168 24.67 4.90 0.95
C GLU B 168 25.28 3.97 -0.09
N ASP B 169 24.73 2.76 -0.24
CA ASP B 169 25.23 1.88 -1.30
C ASP B 169 24.92 2.46 -2.68
N THR B 170 23.70 2.99 -2.84
CA THR B 170 23.33 3.65 -4.09
C THR B 170 24.30 4.76 -4.44
N ALA B 171 24.60 5.63 -3.48
CA ALA B 171 25.52 6.72 -3.75
C ALA B 171 26.91 6.21 -4.09
N ARG B 172 27.39 5.19 -3.38
CA ARG B 172 28.71 4.66 -3.67
C ARG B 172 28.79 4.14 -5.11
N VAL B 173 27.76 3.43 -5.54
CA VAL B 173 27.77 2.86 -6.89
C VAL B 173 27.65 3.95 -7.96
N ILE B 174 26.77 4.95 -7.75
CA ILE B 174 26.64 6.05 -8.70
C ILE B 174 27.94 6.87 -8.75
N ASN B 175 28.56 7.10 -7.59
CA ASN B 175 29.84 7.81 -7.60
C ASN B 175 30.85 7.09 -8.50
N LYS B 176 30.84 5.76 -8.48
CA LYS B 176 31.78 5.00 -9.31
C LYS B 176 31.51 5.17 -10.80
N VAL B 177 30.26 5.40 -11.20
CA VAL B 177 30.01 5.75 -12.60
C VAL B 177 30.83 6.97 -12.98
N MET B 178 30.79 8.00 -12.13
CA MET B 178 31.51 9.25 -12.43
C MET B 178 33.01 9.04 -12.35
N LEU B 179 33.48 8.25 -11.38
CA LEU B 179 34.91 7.97 -11.31
C LEU B 179 35.39 7.22 -12.54
N ASN B 180 34.63 6.21 -12.98
CA ASN B 180 34.98 5.44 -14.17
C ASN B 180 35.13 6.35 -15.39
N LEU B 181 34.28 7.37 -15.51
CA LEU B 181 34.31 8.29 -16.63
C LEU B 181 35.44 9.32 -16.53
N GLY B 182 36.21 9.27 -15.46
CA GLY B 182 37.35 10.17 -15.30
C GLY B 182 37.06 11.43 -14.52
N PHE B 183 35.98 11.47 -13.72
CA PHE B 183 35.57 12.68 -13.04
C PHE B 183 36.03 12.75 -11.60
N GLU B 184 37.13 12.05 -11.26
CA GLU B 184 37.68 12.14 -9.91
C GLU B 184 38.01 13.58 -9.52
N ASP B 185 38.37 14.41 -10.48
CA ASP B 185 38.70 15.81 -10.20
C ASP B 185 37.48 16.62 -9.80
N GLY B 186 36.29 16.12 -10.04
CA GLY B 186 35.09 16.80 -9.58
C GLY B 186 33.89 16.73 -10.51
N TYR B 187 32.70 16.67 -9.91
CA TYR B 187 31.45 16.79 -10.63
C TYR B 187 30.40 17.42 -9.72
N VAL B 188 29.30 17.83 -10.33
CA VAL B 188 28.15 18.41 -9.66
C VAL B 188 27.01 17.40 -9.69
N ALA B 189 26.31 17.25 -8.58
CA ALA B 189 25.13 16.40 -8.53
C ALA B 189 23.86 17.25 -8.48
N GLN B 190 22.79 16.73 -9.10
CA GLN B 190 21.46 17.33 -9.02
C GLN B 190 20.46 16.23 -8.69
N GLY B 191 19.59 16.46 -7.72
CA GLY B 191 18.62 15.44 -7.38
C GLY B 191 17.29 15.96 -6.86
N GLY B 192 16.22 15.19 -7.17
CA GLY B 192 14.93 15.35 -6.54
C GLY B 192 14.42 13.99 -6.10
N ASP B 193 13.32 14.00 -5.33
CA ASP B 193 12.78 12.76 -4.77
C ASP B 193 13.90 11.96 -4.10
N ILE B 194 13.95 10.63 -4.29
CA ILE B 194 15.04 9.82 -3.74
CA ILE B 194 15.04 9.90 -3.65
C ILE B 194 16.39 10.33 -4.21
N GLY B 195 16.44 10.86 -5.44
CA GLY B 195 17.67 11.42 -5.96
C GLY B 195 18.20 12.57 -5.12
N SER B 196 17.33 13.27 -4.39
CA SER B 196 17.81 14.33 -3.50
C SER B 196 18.53 13.75 -2.28
N LYS B 197 18.11 12.57 -1.80
CA LYS B 197 18.86 11.90 -0.75
C LYS B 197 20.19 11.38 -1.28
N ILE B 198 20.17 10.77 -2.46
CA ILE B 198 21.42 10.28 -3.06
C ILE B 198 22.38 11.44 -3.30
N GLY B 199 21.87 12.56 -3.83
CA GLY B 199 22.73 13.71 -4.06
C GLY B 199 23.34 14.26 -2.78
N ARG B 200 22.53 14.32 -1.72
CA ARG B 200 23.06 14.74 -0.42
C ARG B 200 24.16 13.79 0.06
N ILE B 201 23.94 12.48 -0.06
CA ILE B 201 24.96 11.53 0.38
C ILE B 201 26.24 11.69 -0.45
N LEU B 202 26.10 11.86 -1.76
CA LEU B 202 27.28 12.09 -2.60
C LEU B 202 28.06 13.30 -2.13
N ALA B 203 27.36 14.42 -1.90
CA ALA B 203 28.06 15.64 -1.51
C ALA B 203 28.68 15.53 -0.13
N VAL B 204 28.03 14.83 0.79
CA VAL B 204 28.53 14.76 2.16
C VAL B 204 29.69 13.77 2.26
N ASP B 205 29.63 12.66 1.52
CA ASP B 205 30.55 11.55 1.78
C ASP B 205 31.57 11.25 0.69
N HIS B 206 31.43 11.76 -0.53
CA HIS B 206 32.31 11.35 -1.61
C HIS B 206 33.09 12.54 -2.17
N ASP B 207 34.42 12.41 -2.15
CA ASP B 207 35.29 13.51 -2.53
C ASP B 207 34.99 14.04 -3.93
N ALA B 208 34.67 13.15 -4.87
CA ALA B 208 34.54 13.61 -6.26
C ALA B 208 33.33 14.51 -6.48
N CYS B 209 32.30 14.40 -5.63
CA CYS B 209 31.15 15.30 -5.75
C CYS B 209 31.52 16.61 -5.09
N LYS B 210 31.60 17.70 -5.87
CA LYS B 210 32.07 18.97 -5.35
C LYS B 210 30.97 19.95 -4.99
N ALA B 211 29.75 19.72 -5.46
CA ALA B 211 28.64 20.63 -5.24
C ALA B 211 27.37 19.88 -5.55
N VAL B 212 26.26 20.36 -4.98
CA VAL B 212 24.99 19.66 -5.17
C VAL B 212 23.85 20.68 -5.22
N HIS B 213 22.95 20.47 -6.18
CA HIS B 213 21.72 21.23 -6.28
C HIS B 213 20.55 20.27 -6.08
N LEU B 214 19.60 20.66 -5.22
CA LEU B 214 18.43 19.83 -4.95
C LEU B 214 17.16 20.60 -5.28
N ASN B 215 16.13 19.87 -5.72
CA ASN B 215 14.80 20.45 -5.79
C ASN B 215 13.83 19.76 -4.84
N ALA B 216 14.35 18.99 -3.89
CA ALA B 216 13.54 18.50 -2.78
C ALA B 216 14.43 18.41 -1.56
N CYS B 217 13.85 18.68 -0.39
CA CYS B 217 14.60 18.65 0.86
C CYS B 217 13.60 18.19 1.93
N TYR B 218 13.32 16.88 1.93
CA TYR B 218 12.24 16.34 2.74
C TYR B 218 12.56 16.45 4.23
N MET B 219 11.75 17.23 4.93
CA MET B 219 12.03 17.58 6.32
C MET B 219 10.77 18.15 6.94
N GLY B 220 10.70 18.08 8.27
CA GLY B 220 9.75 18.87 9.01
C GLY B 220 10.36 20.23 9.36
N LYS B 221 9.59 21.01 10.09
CA LYS B 221 10.12 22.25 10.62
C LYS B 221 11.35 21.95 11.47
N PRO B 222 12.51 22.49 11.13
CA PRO B 222 13.73 22.09 11.86
C PRO B 222 13.70 22.58 13.29
N SER B 223 14.21 21.75 14.21
CA SER B 223 14.18 22.10 15.63
C SER B 223 15.00 23.34 15.94
N SER B 224 16.00 23.67 15.11
CA SER B 224 16.84 24.83 15.37
C SER B 224 16.19 26.15 15.01
N ILE B 225 14.96 26.14 14.51
CA ILE B 225 14.19 27.35 14.29
C ILE B 225 13.20 27.49 15.45
N PRO B 226 13.32 28.54 16.28
CA PRO B 226 12.38 28.69 17.40
C PRO B 226 11.11 29.45 17.04
N ASP B 227 11.02 29.99 15.83
CA ASP B 227 10.01 30.98 15.47
C ASP B 227 8.91 30.37 14.61
N THR B 228 7.91 31.22 14.32
CA THR B 228 6.84 30.94 13.35
C THR B 228 6.67 32.23 12.53
N ALA B 229 7.56 32.43 11.55
CA ALA B 229 7.49 33.56 10.64
C ALA B 229 6.78 33.08 9.38
N ILE B 230 5.57 33.62 9.14
CA ILE B 230 4.59 32.90 8.34
C ILE B 230 4.00 33.80 7.24
N THR B 231 4.38 33.52 5.99
CA THR B 231 3.89 34.25 4.81
C THR B 231 2.92 33.38 4.01
N GLU B 232 2.14 34.04 3.15
CA GLU B 232 1.09 33.34 2.42
C GLU B 232 1.63 32.13 1.66
N GLU B 233 2.76 32.29 0.97
CA GLU B 233 3.37 31.15 0.31
C GLU B 233 3.85 30.12 1.32
N ASP B 234 4.39 30.57 2.45
CA ASP B 234 4.76 29.65 3.52
C ASP B 234 3.54 28.92 4.05
N LYS B 235 2.35 29.54 3.95
CA LYS B 235 1.10 28.91 4.38
C LYS B 235 0.72 27.76 3.46
N ARG B 236 0.73 28.02 2.16
CA ARG B 236 0.49 26.97 1.18
C ARG B 236 1.47 25.81 1.35
N ALA B 237 2.75 26.11 1.60
CA ALA B 237 3.75 25.06 1.70
C ALA B 237 3.48 24.13 2.88
N LEU B 238 3.25 24.71 4.06
CA LEU B 238 2.98 23.88 5.23
C LEU B 238 1.68 23.09 5.06
N ALA B 239 0.67 23.70 4.42
CA ALA B 239 -0.57 22.97 4.18
C ALA B 239 -0.36 21.79 3.24
N ARG B 240 0.45 21.96 2.19
CA ARG B 240 0.68 20.86 1.26
C ARG B 240 1.49 19.76 1.91
N ALA B 241 2.53 20.14 2.68
CA ALA B 241 3.30 19.14 3.42
C ALA B 241 2.43 18.38 4.40
N GLN B 242 1.48 19.06 5.03
CA GLN B 242 0.59 18.37 5.98
C GLN B 242 -0.37 17.45 5.25
N TRP B 243 -0.86 17.87 4.08
CA TRP B 243 -1.66 16.97 3.26
C TRP B 243 -0.86 15.72 2.90
N PHE B 244 0.41 15.90 2.56
CA PHE B 244 1.21 14.76 2.15
C PHE B 244 1.41 13.77 3.29
N ALA B 245 1.69 14.27 4.49
CA ALA B 245 1.97 13.38 5.62
C ALA B 245 0.73 12.60 6.05
N THR B 246 -0.43 13.27 6.07
CA THR B 246 -1.64 12.62 6.58
C THR B 246 -2.28 11.73 5.53
N PHE B 247 -2.41 12.23 4.30
CA PHE B 247 -3.16 11.54 3.27
C PHE B 247 -2.32 11.00 2.13
N GLY B 248 -1.06 11.43 2.01
CA GLY B 248 -0.32 11.11 0.80
C GLY B 248 0.79 10.10 0.97
N SER B 249 0.92 9.49 2.15
CA SER B 249 2.10 8.70 2.45
C SER B 249 1.80 7.21 2.60
N GLY B 250 0.60 6.75 2.19
CA GLY B 250 0.33 5.32 2.21
C GLY B 250 1.36 4.51 1.45
N TYR B 251 1.75 4.99 0.27
CA TYR B 251 2.73 4.26 -0.52
C TYR B 251 4.08 4.16 0.18
N ALA B 252 4.46 5.19 0.94
CA ALA B 252 5.71 5.15 1.69
C ALA B 252 5.66 4.07 2.76
N VAL B 253 4.57 4.02 3.53
CA VAL B 253 4.48 3.01 4.59
C VAL B 253 4.44 1.61 3.97
N GLU B 254 3.67 1.42 2.90
CA GLU B 254 3.60 0.09 2.30
C GLU B 254 4.93 -0.31 1.66
N HIS B 255 5.54 0.60 0.89
CA HIS B 255 6.86 0.31 0.31
C HIS B 255 7.89 0.02 1.40
N GLY B 256 7.79 0.75 2.52
CA GLY B 256 8.82 0.70 3.55
C GLY B 256 8.69 -0.47 4.50
N THR B 257 7.49 -1.07 4.60
CA THR B 257 7.25 -2.14 5.55
C THR B 257 6.97 -3.48 4.87
N ARG B 258 6.29 -3.46 3.72
CA ARG B 258 5.93 -4.70 3.03
C ARG B 258 6.27 -4.62 1.54
N PRO B 259 7.51 -4.26 1.19
CA PRO B 259 7.86 -4.16 -0.23
C PRO B 259 7.66 -5.45 -0.99
N SER B 260 7.89 -6.61 -0.36
CA SER B 260 7.69 -7.84 -1.10
C SER B 260 6.22 -8.06 -1.44
N THR B 261 5.31 -7.76 -0.50
CA THR B 261 3.90 -7.99 -0.79
C THR B 261 3.42 -7.10 -1.94
N ILE B 262 3.71 -5.81 -1.88
CA ILE B 262 3.22 -4.93 -2.93
C ILE B 262 3.94 -5.21 -4.25
N GLY B 263 5.22 -5.59 -4.21
CA GLY B 263 5.91 -5.92 -5.45
C GLY B 263 5.36 -7.17 -6.09
N ASN B 264 5.05 -8.20 -5.30
CA ASN B 264 4.39 -9.36 -5.86
C ASN B 264 3.02 -9.00 -6.44
N ALA B 265 2.26 -8.18 -5.72
CA ALA B 265 0.92 -7.82 -6.19
C ALA B 265 0.97 -7.05 -7.52
N LEU B 266 1.86 -6.07 -7.64
CA LEU B 266 1.83 -5.20 -8.82
C LEU B 266 2.61 -5.78 -9.99
N SER B 267 3.25 -6.94 -9.82
CA SER B 267 3.82 -7.68 -10.94
C SER B 267 2.77 -8.46 -11.72
N THR B 268 1.57 -8.64 -11.15
CA THR B 268 0.63 -9.60 -11.75
C THR B 268 0.06 -9.11 -13.05
N SER B 269 -0.22 -7.81 -13.16
CA SER B 269 -0.97 -7.23 -14.26
C SER B 269 -0.46 -5.81 -14.49
N PRO B 270 -0.25 -5.40 -15.74
CA PRO B 270 0.20 -4.02 -15.98
C PRO B 270 -0.80 -2.99 -15.50
N VAL B 271 -2.09 -3.32 -15.44
CA VAL B 271 -3.07 -2.32 -15.01
C VAL B 271 -3.03 -2.16 -13.50
N ALA B 272 -2.60 -3.19 -12.75
CA ALA B 272 -2.35 -3.00 -11.32
C ALA B 272 -1.24 -1.97 -11.11
N LEU B 273 -0.15 -2.13 -11.86
CA LEU B 273 0.97 -1.19 -11.77
C LEU B 273 0.54 0.21 -12.18
N LEU B 274 -0.24 0.33 -13.26
CA LEU B 274 -0.71 1.64 -13.71
C LEU B 274 -1.53 2.34 -12.63
N SER B 275 -2.39 1.60 -11.92
CA SER B 275 -3.21 2.20 -10.88
C SER B 275 -2.34 2.83 -9.81
N TRP B 276 -1.34 2.07 -9.34
CA TRP B 276 -0.49 2.50 -8.24
C TRP B 276 0.36 3.72 -8.62
N ILE B 277 0.94 3.70 -9.82
CA ILE B 277 1.89 4.75 -10.23
C ILE B 277 1.15 5.93 -10.83
N GLY B 278 0.09 5.68 -11.60
CA GLY B 278 -0.66 6.78 -12.19
C GLY B 278 -1.15 7.78 -11.16
N GLU B 279 -1.57 7.30 -9.99
CA GLU B 279 -2.00 8.21 -8.92
C GLU B 279 -0.97 9.29 -8.65
N LYS B 280 0.31 8.93 -8.69
CA LYS B 280 1.37 9.86 -8.30
C LYS B 280 1.66 10.85 -9.41
N PHE B 281 1.68 10.40 -10.67
CA PHE B 281 1.83 11.39 -11.75
C PHE B 281 0.68 12.39 -11.75
N LEU B 282 -0.52 11.98 -11.34
CA LEU B 282 -1.64 12.91 -11.31
C LEU B 282 -1.56 13.89 -10.14
N ASP B 283 -1.21 13.40 -8.94
CA ASP B 283 -1.29 14.20 -7.72
C ASP B 283 -0.06 15.03 -7.44
N TRP B 284 1.10 14.63 -7.94
CA TRP B 284 2.34 15.26 -7.53
C TRP B 284 2.79 16.36 -8.44
N ALA B 285 2.22 16.43 -9.64
CA ALA B 285 2.64 17.40 -10.63
C ALA B 285 1.98 18.74 -10.40
N GLY B 286 2.72 19.81 -10.70
CA GLY B 286 2.14 21.13 -10.80
C GLY B 286 1.57 21.35 -12.18
N GLU B 287 2.40 21.13 -13.20
CA GLU B 287 1.93 21.12 -14.59
C GLU B 287 1.41 19.73 -14.94
N THR B 288 0.21 19.69 -15.52
CA THR B 288 -0.43 18.41 -15.83
C THR B 288 0.46 17.56 -16.74
N ILE B 289 0.67 16.31 -16.36
CA ILE B 289 1.52 15.39 -17.12
C ILE B 289 0.62 14.61 -18.06
N PRO B 290 0.88 14.65 -19.38
CA PRO B 290 -0.01 13.99 -20.34
C PRO B 290 -0.12 12.48 -20.10
N LEU B 291 -1.29 11.93 -20.42
CA LEU B 291 -1.50 10.48 -20.28
C LEU B 291 -0.41 9.70 -21.00
N GLU B 292 -0.01 10.13 -22.19
CA GLU B 292 1.01 9.40 -22.94
C GLU B 292 2.31 9.31 -22.15
N THR B 293 2.65 10.36 -21.42
CA THR B 293 3.88 10.33 -20.62
C THR B 293 3.75 9.34 -19.47
N ILE B 294 2.58 9.28 -18.85
CA ILE B 294 2.35 8.30 -17.79
C ILE B 294 2.46 6.89 -18.36
N LEU B 295 1.79 6.64 -19.50
CA LEU B 295 1.82 5.30 -20.09
C LEU B 295 3.24 4.90 -20.49
N GLU B 296 4.02 5.86 -21.00
CA GLU B 296 5.41 5.56 -21.37
CA GLU B 296 5.40 5.55 -21.37
C GLU B 296 6.21 5.09 -20.16
N SER B 297 6.08 5.81 -19.04
CA SER B 297 6.86 5.47 -17.85
C SER B 297 6.42 4.14 -17.26
N VAL B 298 5.10 3.92 -17.16
CA VAL B 298 4.61 2.66 -16.60
C VAL B 298 4.95 1.49 -17.51
N THR B 299 4.88 1.70 -18.83
CA THR B 299 5.27 0.66 -19.78
C THR B 299 6.74 0.29 -19.61
N LEU B 300 7.60 1.30 -19.47
CA LEU B 300 9.02 1.02 -19.26
C LEU B 300 9.24 0.24 -17.98
N TYR B 301 8.57 0.65 -16.89
CA TYR B 301 8.65 -0.11 -15.64
C TYR B 301 8.18 -1.55 -15.84
N TRP B 302 7.08 -1.73 -16.58
CA TRP B 302 6.56 -3.07 -16.80
C TRP B 302 7.56 -3.95 -17.54
N PHE B 303 8.08 -3.45 -18.68
CA PHE B 303 8.99 -4.26 -19.49
C PHE B 303 10.24 -4.67 -18.74
N THR B 304 10.70 -3.82 -17.81
CA THR B 304 11.96 -4.04 -17.11
C THR B 304 11.76 -4.57 -15.70
N GLU B 305 10.53 -4.92 -15.33
CA GLU B 305 10.24 -5.44 -13.99
C GLU B 305 10.82 -4.53 -12.93
N THR B 306 10.64 -3.22 -13.11
CA THR B 306 11.25 -2.23 -12.23
C THR B 306 10.60 -2.23 -10.85
N PHE B 307 9.28 -2.22 -10.78
CA PHE B 307 8.64 -1.83 -9.52
C PHE B 307 9.12 -2.64 -8.31
N PRO B 308 9.13 -3.98 -8.32
CA PRO B 308 9.55 -4.71 -7.12
C PRO B 308 10.99 -4.47 -6.74
N ARG B 309 11.83 -4.04 -7.69
CA ARG B 309 13.24 -3.82 -7.47
C ARG B 309 13.55 -2.39 -7.08
N SER B 310 12.55 -1.51 -7.10
CA SER B 310 12.78 -0.07 -7.07
C SER B 310 12.48 0.56 -5.72
N ILE B 311 11.95 -0.20 -4.76
CA ILE B 311 11.35 0.41 -3.58
C ILE B 311 12.18 0.13 -2.33
N TYR B 312 13.41 -0.36 -2.49
CA TYR B 312 14.25 -0.69 -1.34
C TYR B 312 14.58 0.52 -0.47
N HIS B 313 14.58 1.73 -1.00
CA HIS B 313 14.94 2.92 -0.22
CA HIS B 313 15.00 2.83 -0.14
C HIS B 313 13.94 3.21 0.89
N TYR B 314 12.68 2.81 0.70
CA TYR B 314 11.64 3.30 1.60
C TYR B 314 11.76 2.71 3.00
N ARG B 315 12.33 1.51 3.15
CA ARG B 315 12.43 0.91 4.47
C ARG B 315 13.45 1.58 5.37
N GLU B 316 14.25 2.49 4.84
CA GLU B 316 15.22 3.18 5.70
C GLU B 316 14.55 4.04 6.75
N ASN B 317 13.26 4.34 6.60
CA ASN B 317 12.55 5.15 7.57
C ASN B 317 11.67 4.32 8.49
N PHE B 318 11.88 3.01 8.56
CA PHE B 318 11.10 2.13 9.44
C PHE B 318 12.05 1.27 10.25
N PRO B 319 12.06 1.37 11.60
CA PRO B 319 11.27 2.33 12.38
C PRO B 319 11.73 3.76 12.10
N PRO B 320 10.95 4.77 12.49
CA PRO B 320 11.34 6.15 12.21
C PRO B 320 12.72 6.43 12.76
N PRO B 321 13.60 7.05 11.98
CA PRO B 321 14.95 7.34 12.46
C PRO B 321 14.94 8.35 13.60
N LYS B 322 16.03 8.32 14.38
CA LYS B 322 16.17 9.27 15.48
C LYS B 322 16.10 10.70 14.97
N LEU B 323 16.75 10.97 13.85
CA LEU B 323 16.68 12.25 13.15
C LEU B 323 16.38 11.99 11.69
N ARG B 324 15.50 12.80 11.11
CA ARG B 324 15.31 12.73 9.67
C ARG B 324 16.63 13.03 8.97
N HIS B 325 16.86 12.35 7.85
CA HIS B 325 18.14 12.42 7.13
C HIS B 325 18.60 13.86 6.90
N THR B 326 17.73 14.70 6.32
CA THR B 326 18.06 16.09 6.06
C THR B 326 18.31 16.89 7.32
N GLU B 327 17.75 16.46 8.46
CA GLU B 327 17.84 17.21 9.71
C GLU B 327 18.92 16.67 10.63
N ASP B 328 19.75 15.76 10.13
CA ASP B 328 20.80 15.10 10.89
C ASP B 328 22.11 15.81 10.58
N PRO B 329 22.87 16.31 11.56
CA PRO B 329 24.16 16.93 11.25
C PRO B 329 25.09 16.01 10.48
N ARG B 330 24.92 14.70 10.63
CA ARG B 330 25.72 13.73 9.87
C ARG B 330 25.62 13.98 8.37
N TRP B 331 24.49 14.54 7.91
CA TRP B 331 24.23 14.73 6.49
C TRP B 331 24.08 16.21 6.12
N TYR B 332 24.57 17.11 6.97
CA TYR B 332 24.64 18.52 6.61
C TYR B 332 25.67 18.73 5.50
N ILE B 333 25.29 19.48 4.46
CA ILE B 333 26.15 19.65 3.28
C ILE B 333 27.06 20.85 3.51
N ARG B 334 28.37 20.59 3.58
CA ARG B 334 29.34 21.69 3.72
C ARG B 334 29.79 22.26 2.38
N LYS B 335 29.77 21.45 1.33
CA LYS B 335 30.13 21.90 0.01
C LYS B 335 29.08 22.89 -0.51
N PRO B 336 29.37 23.59 -1.61
CA PRO B 336 28.37 24.50 -2.18
C PRO B 336 27.07 23.76 -2.49
N PHE B 337 25.97 24.30 -1.98
CA PHE B 337 24.67 23.66 -1.97
C PHE B 337 23.66 24.65 -2.55
N GLY B 338 22.90 24.19 -3.54
CA GLY B 338 21.87 25.02 -4.16
C GLY B 338 20.52 24.34 -4.02
N PHE B 339 19.48 25.16 -3.98
CA PHE B 339 18.12 24.63 -3.88
C PHE B 339 17.17 25.43 -4.75
N SER B 340 16.28 24.72 -5.44
CA SER B 340 15.20 25.36 -6.19
C SER B 340 13.85 24.95 -5.61
N TYR B 341 13.02 25.95 -5.34
CA TYR B 341 11.72 25.79 -4.71
C TYR B 341 10.64 25.76 -5.78
N TYR B 342 9.94 24.63 -5.90
CA TYR B 342 8.77 24.48 -6.73
C TYR B 342 7.55 24.32 -5.84
N PRO B 343 6.52 25.12 -6.04
CA PRO B 343 5.43 25.20 -5.03
C PRO B 343 4.65 23.91 -4.88
N MET B 344 4.61 23.04 -5.89
CA MET B 344 3.87 21.80 -5.78
C MET B 344 4.75 20.59 -5.53
N GLU B 345 5.97 20.81 -5.03
CA GLU B 345 6.71 19.72 -4.43
C GLU B 345 5.89 19.12 -3.28
N LEU B 346 6.20 17.87 -2.92
CA LEU B 346 5.40 17.15 -1.93
C LEU B 346 5.49 17.79 -0.56
N VAL B 347 6.69 18.21 -0.18
CA VAL B 347 6.97 18.92 1.05
C VAL B 347 7.70 20.19 0.62
N PRO B 348 6.97 21.25 0.25
CA PRO B 348 7.66 22.50 -0.13
C PRO B 348 8.33 23.10 1.09
N THR B 349 9.61 23.43 0.96
CA THR B 349 10.40 23.83 2.11
C THR B 349 10.90 25.26 1.95
N PRO B 350 10.51 26.18 2.84
CA PRO B 350 11.04 27.54 2.79
C PRO B 350 12.55 27.57 2.95
N ARG B 351 13.15 28.67 2.47
CA ARG B 351 14.59 28.83 2.46
C ARG B 351 15.18 28.70 3.86
N ALA B 352 14.55 29.30 4.86
CA ALA B 352 15.09 29.21 6.22
C ALA B 352 15.19 27.77 6.69
N TRP B 353 14.25 26.91 6.28
CA TRP B 353 14.35 25.49 6.62
C TRP B 353 15.53 24.84 5.92
N VAL B 354 15.63 25.04 4.60
CA VAL B 354 16.68 24.39 3.82
C VAL B 354 18.06 24.80 4.33
N GLU B 355 18.20 26.06 4.75
CA GLU B 355 19.49 26.58 5.20
C GLU B 355 20.02 25.85 6.42
N THR B 356 19.14 25.25 7.24
CA THR B 356 19.61 24.49 8.40
C THR B 356 20.29 23.20 7.99
N THR B 357 20.18 22.78 6.73
CA THR B 357 20.67 21.48 6.27
C THR B 357 21.93 21.58 5.42
N GLY B 358 22.43 22.77 5.14
CA GLY B 358 23.69 22.85 4.44
C GLY B 358 24.09 24.28 4.12
N ASN B 359 25.25 24.37 3.45
CA ASN B 359 25.89 25.62 3.04
C ASN B 359 25.19 26.14 1.79
N LEU B 360 24.04 26.77 1.99
CA LEU B 360 23.15 27.17 0.90
C LEU B 360 23.67 28.44 0.25
N VAL B 361 24.24 28.31 -0.94
CA VAL B 361 24.81 29.43 -1.68
C VAL B 361 23.94 29.85 -2.86
N PHE B 362 22.90 29.08 -3.18
CA PHE B 362 22.06 29.34 -4.34
C PHE B 362 20.63 29.00 -3.96
N TRP B 363 19.72 29.93 -4.24
CA TRP B 363 18.30 29.75 -3.99
C TRP B 363 17.53 30.32 -5.16
N GLN B 364 16.61 29.53 -5.72
CA GLN B 364 15.72 30.02 -6.78
C GLN B 364 14.31 29.53 -6.51
N ALA B 365 13.37 30.45 -6.38
CA ALA B 365 11.97 30.07 -6.25
C ALA B 365 11.28 30.17 -7.59
N HIS B 366 10.28 29.31 -7.78
CA HIS B 366 9.49 29.30 -8.98
C HIS B 366 8.02 29.46 -8.64
N GLU B 367 7.30 30.03 -9.60
CA GLU B 367 5.86 30.21 -9.51
C GLU B 367 5.09 29.00 -10.02
N LYS B 368 5.66 28.26 -10.96
CA LYS B 368 5.01 27.11 -11.58
C LYS B 368 5.87 25.87 -11.42
N GLY B 369 5.21 24.72 -11.33
CA GLY B 369 5.93 23.47 -11.30
C GLY B 369 5.76 22.75 -9.98
N GLY B 370 5.78 21.42 -10.04
CA GLY B 370 5.67 20.63 -8.84
C GLY B 370 6.81 19.66 -8.65
N HIS B 371 6.46 18.44 -8.28
CA HIS B 371 7.44 17.45 -7.86
C HIS B 371 8.36 17.05 -9.00
N PHE B 372 7.83 16.90 -10.22
CA PHE B 372 8.61 16.41 -11.36
C PHE B 372 9.19 17.60 -12.13
N ALA B 373 10.10 18.32 -11.47
CA ALA B 373 10.52 19.62 -11.97
C ALA B 373 11.11 19.54 -13.38
N ALA B 374 12.06 18.63 -13.60
CA ALA B 374 12.69 18.55 -14.91
C ALA B 374 11.69 18.14 -15.99
N LEU B 375 10.78 17.23 -15.64
CA LEU B 375 9.80 16.74 -16.60
C LEU B 375 8.72 17.78 -16.90
N GLU B 376 8.30 18.53 -15.88
CA GLU B 376 7.23 19.53 -16.00
C GLU B 376 7.72 20.86 -16.57
N ARG B 377 8.90 21.29 -16.12
CA ARG B 377 9.41 22.63 -16.43
C ARG B 377 10.86 22.51 -16.89
N PRO B 378 11.10 21.85 -18.02
CA PRO B 378 12.49 21.52 -18.37
C PRO B 378 13.40 22.71 -18.52
N GLN B 379 12.92 23.82 -19.11
CA GLN B 379 13.84 24.92 -19.30
C GLN B 379 14.10 25.66 -17.99
N ASP B 380 13.09 25.79 -17.13
CA ASP B 380 13.33 26.36 -15.80
C ASP B 380 14.32 25.52 -15.02
N TYR B 381 14.15 24.21 -15.07
CA TYR B 381 15.09 23.30 -14.41
C TYR B 381 16.49 23.48 -14.97
N LEU B 382 16.63 23.50 -16.29
CA LEU B 382 17.95 23.61 -16.91
C LEU B 382 18.59 24.96 -16.60
N ASP B 383 17.80 26.05 -16.67
CA ASP B 383 18.35 27.36 -16.36
C ASP B 383 18.88 27.42 -14.94
N ASP B 384 18.17 26.81 -13.98
CA ASP B 384 18.66 26.75 -12.60
C ASP B 384 19.96 25.98 -12.54
N LEU B 385 20.01 24.83 -13.20
CA LEU B 385 21.16 23.95 -13.09
C LEU B 385 22.41 24.60 -13.66
N THR B 386 22.28 25.21 -14.85
CA THR B 386 23.45 25.83 -15.46
C THR B 386 23.86 27.08 -14.69
N ALA B 387 22.90 27.86 -14.18
CA ALA B 387 23.26 29.00 -13.36
C ALA B 387 24.01 28.57 -12.12
N PHE B 388 23.55 27.48 -11.48
CA PHE B 388 24.22 26.98 -10.28
C PHE B 388 25.63 26.53 -10.61
N CYS B 389 25.79 25.74 -11.67
CA CYS B 389 27.11 25.23 -12.02
C CYS B 389 28.06 26.36 -12.34
N GLU B 390 27.61 27.34 -13.12
CA GLU B 390 28.48 28.45 -13.46
C GLU B 390 28.81 29.29 -12.22
N GLN B 391 27.88 29.39 -11.27
CA GLN B 391 28.19 30.15 -10.06
C GLN B 391 29.24 29.45 -9.21
N VAL B 392 29.14 28.13 -9.03
CA VAL B 392 29.97 27.45 -8.03
C VAL B 392 31.23 26.78 -8.58
N TRP B 393 31.27 26.44 -9.87
CA TRP B 393 32.41 25.68 -10.38
C TRP B 393 33.68 26.52 -10.31
N ALA B 394 34.75 25.95 -9.78
CA ALA B 394 35.99 26.70 -9.62
C ALA B 394 37.12 26.14 -10.49
N GLY B 395 36.79 25.41 -11.54
CA GLY B 395 37.76 25.03 -12.55
C GLY B 395 38.43 23.69 -12.31
C ACT C . -9.86 -25.26 19.19
O ACT C . -10.76 -25.93 18.65
OXT ACT C . -9.95 -24.42 20.16
CH3 ACT C . -8.46 -25.34 18.55
C1 GOL D . 34.98 22.31 -8.21
O1 GOL D . 34.30 23.53 -8.26
C2 GOL D . 36.06 22.39 -9.32
O2 GOL D . 37.05 23.33 -9.01
C3 GOL D . 36.64 20.95 -9.48
O3 GOL D . 37.07 20.55 -8.23
S SO4 E . 9.58 25.32 -19.15
O1 SO4 E . 10.33 24.53 -20.11
O2 SO4 E . 10.21 25.42 -17.84
O3 SO4 E . 9.47 26.69 -19.68
O4 SO4 E . 8.23 24.77 -18.99
CL CL F . 15.61 16.55 -10.17
NA NA G . 18.85 9.71 -12.91
#